data_4FB9
#
_entry.id   4FB9
#
_cell.length_a   130.284
_cell.length_b   141.908
_cell.length_c   84.819
_cell.angle_alpha   90.00
_cell.angle_beta   126.92
_cell.angle_gamma   90.00
#
_symmetry.space_group_name_H-M   'C 1 2 1'
#
loop_
_entity.id
_entity.type
_entity.pdbx_description
1 polymer 'Protein synthesis inhibitor I'
2 water water
#
_entity_poly.entity_id   1
_entity_poly.type   'polypeptide(L)'
_entity_poly.pdbx_seq_one_letter_code
;GSAAK(MSE)AKNVDKPLFTATFNVQASSADYATFIAGIRNKLRNPAHFSHNRPVLPPVEPNVPPSRWFHVVLKASPTSA
GLTLAIRADNIYLEGFKSSDGTWWELTPGLIPGATYVGFGGTYRDLLGDTDKLTNVALGRQQLADAVTALHGRTKADKPS
GPKQQQAREAVTTLLL(MSE)VNEATRFQTVSGFVAGLLHPKAVAAASGKIGNE(MSE)KAQVNGWQDLSAALLKTDVKP
PPGKSPAKFAPIEK(MSE)GVRTAVQAANTLGILLFVEVPGGLTVAKALELFHASGGK
;
_entity_poly.pdbx_strand_id   A,B,C,D
#
# COMPACT_ATOMS: atom_id res chain seq x y z
N LYS A 5 -17.22 44.75 -8.68
CA LYS A 5 -15.98 44.02 -8.43
C LYS A 5 -16.15 42.94 -7.37
N MSE A 6 -17.40 42.68 -6.96
CA MSE A 6 -17.68 41.58 -6.05
C MSE A 6 -17.63 40.28 -6.83
O MSE A 6 -17.81 40.26 -8.04
CB MSE A 6 -19.04 41.73 -5.40
CG MSE A 6 -19.26 43.08 -4.73
SE MSE A 6 -20.90 43.07 -3.71
CE MSE A 6 -20.24 42.17 -2.11
N ALA A 7 -17.40 39.18 -6.13
CA ALA A 7 -17.41 37.86 -6.76
C ALA A 7 -18.78 37.53 -7.32
N LYS A 8 -18.81 36.65 -8.32
CA LYS A 8 -20.05 36.20 -8.95
C LYS A 8 -20.15 34.69 -8.82
N ASN A 9 -21.38 34.17 -8.74
CA ASN A 9 -21.63 32.72 -8.73
C ASN A 9 -21.11 31.99 -7.48
N VAL A 10 -20.86 32.71 -6.40
CA VAL A 10 -20.37 32.10 -5.16
C VAL A 10 -21.30 30.99 -4.67
N ASP A 11 -22.61 31.21 -4.78
CA ASP A 11 -23.56 30.18 -4.38
C ASP A 11 -24.13 29.43 -5.60
N LYS A 12 -23.37 29.43 -6.69
CA LYS A 12 -23.69 28.60 -7.85
C LYS A 12 -22.46 27.76 -8.19
N PRO A 13 -22.10 26.84 -7.29
CA PRO A 13 -20.85 26.09 -7.44
C PRO A 13 -20.84 25.22 -8.69
N LEU A 14 -19.66 25.08 -9.29
CA LEU A 14 -19.48 24.21 -10.45
C LEU A 14 -19.64 22.74 -10.05
N PHE A 15 -19.30 22.45 -8.80
CA PHE A 15 -19.51 21.14 -8.19
C PHE A 15 -19.46 21.27 -6.68
N THR A 16 -19.91 20.24 -5.98
CA THR A 16 -19.82 20.18 -4.52
C THR A 16 -19.17 18.88 -4.11
N ALA A 17 -18.09 18.99 -3.35
CA ALA A 17 -17.40 17.82 -2.81
C ALA A 17 -17.77 17.68 -1.34
N THR A 18 -18.08 16.47 -0.90
CA THR A 18 -18.56 16.28 0.48
C THR A 18 -17.72 15.25 1.22
N PHE A 19 -17.39 15.55 2.48
CA PHE A 19 -16.67 14.58 3.32
C PHE A 19 -17.29 14.52 4.71
N ASN A 20 -17.53 13.30 5.16
CA ASN A 20 -17.94 13.02 6.54
C ASN A 20 -16.69 12.95 7.41
N VAL A 21 -16.57 13.84 8.39
CA VAL A 21 -15.35 13.91 9.21
C VAL A 21 -15.04 12.62 9.98
N GLN A 22 -16.01 11.71 10.04
CA GLN A 22 -15.77 10.43 10.69
C GLN A 22 -15.39 9.30 9.73
N ALA A 23 -15.30 9.63 8.44
CA ALA A 23 -15.10 8.60 7.41
C ALA A 23 -13.67 8.10 7.34
N SER A 24 -13.45 7.01 6.62
CA SER A 24 -12.14 6.36 6.58
C SER A 24 -11.08 7.20 5.89
N SER A 25 -9.83 6.86 6.17
CA SER A 25 -8.70 7.46 5.44
C SER A 25 -8.85 7.27 3.93
N ALA A 26 -9.30 6.08 3.53
CA ALA A 26 -9.53 5.83 2.11
C ALA A 26 -10.56 6.77 1.50
N ASP A 27 -11.65 7.01 2.22
CA ASP A 27 -12.68 7.92 1.77
C ASP A 27 -12.15 9.36 1.73
N TYR A 28 -11.28 9.71 2.65
CA TYR A 28 -10.65 11.03 2.60
C TYR A 28 -9.81 11.17 1.34
N ALA A 29 -9.01 10.15 1.03
CA ALA A 29 -8.21 10.17 -0.20
C ALA A 29 -9.08 10.32 -1.46
N THR A 30 -10.19 9.58 -1.49
CA THR A 30 -11.13 9.64 -2.60
C THR A 30 -11.74 11.04 -2.76
N PHE A 31 -12.08 11.65 -1.63
CA PHE A 31 -12.65 12.99 -1.57
C PHE A 31 -11.66 14.02 -2.15
N ILE A 32 -10.41 13.96 -1.71
CA ILE A 32 -9.40 14.89 -2.22
C ILE A 32 -9.16 14.65 -3.71
N ALA A 33 -9.05 13.38 -4.10
CA ALA A 33 -8.79 13.08 -5.51
C ALA A 33 -9.93 13.59 -6.40
N GLY A 34 -11.15 13.50 -5.88
CA GLY A 34 -12.32 13.95 -6.62
C GLY A 34 -12.33 15.45 -6.86
N ILE A 35 -11.86 16.20 -5.87
CA ILE A 35 -11.76 17.65 -6.01
C ILE A 35 -10.76 17.99 -7.11
N ARG A 36 -9.57 17.39 -7.07
CA ARG A 36 -8.57 17.62 -8.12
C ARG A 36 -9.13 17.31 -9.50
N ASN A 37 -9.80 16.17 -9.61
CA ASN A 37 -10.36 15.73 -10.88
C ASN A 37 -11.39 16.72 -11.42
N LYS A 38 -12.25 17.24 -10.56
CA LYS A 38 -13.32 18.13 -11.02
C LYS A 38 -12.81 19.55 -11.33
N LEU A 39 -11.66 19.90 -10.77
CA LEU A 39 -11.02 21.21 -10.99
C LEU A 39 -10.20 21.25 -12.26
N ARG A 40 -9.86 20.09 -12.80
CA ARG A 40 -8.83 20.02 -13.84
C ARG A 40 -9.21 20.70 -15.15
N ASN A 41 -8.20 21.17 -15.85
CA ASN A 41 -8.38 21.53 -17.25
C ASN A 41 -8.11 20.27 -18.05
N PRO A 42 -9.16 19.69 -18.65
CA PRO A 42 -9.00 18.40 -19.32
C PRO A 42 -7.96 18.47 -20.43
N ALA A 43 -7.75 19.67 -20.96
CA ALA A 43 -6.84 19.89 -22.08
C ALA A 43 -5.41 20.13 -21.62
N HIS A 44 -5.18 20.17 -20.32
CA HIS A 44 -3.84 20.53 -19.82
C HIS A 44 -3.38 19.73 -18.60
N PHE A 45 -2.55 18.73 -18.84
CA PHE A 45 -1.89 17.99 -17.78
C PHE A 45 -0.40 18.20 -17.88
N SER A 46 0.31 18.00 -16.78
CA SER A 46 1.76 18.03 -16.78
C SER A 46 2.23 16.80 -16.02
N HIS A 47 2.95 15.92 -16.71
CA HIS A 47 3.44 14.67 -16.11
C HIS A 47 2.33 13.89 -15.43
N ASN A 48 1.18 13.84 -16.13
CA ASN A 48 -0.02 13.16 -15.63
C ASN A 48 -0.59 13.72 -14.33
N ARG A 49 -0.28 14.99 -14.04
CA ARG A 49 -0.95 15.70 -12.95
C ARG A 49 -1.81 16.78 -13.55
N PRO A 50 -3.00 16.99 -12.99
CA PRO A 50 -3.91 17.99 -13.57
C PRO A 50 -3.39 19.41 -13.36
N VAL A 51 -3.66 20.28 -14.32
CA VAL A 51 -3.41 21.71 -14.17
C VAL A 51 -4.75 22.43 -14.13
N LEU A 52 -4.88 23.40 -13.23
CA LEU A 52 -6.07 24.23 -13.18
C LEU A 52 -6.17 25.04 -14.46
N PRO A 53 -7.39 25.41 -14.85
CA PRO A 53 -7.46 26.39 -15.93
C PRO A 53 -6.91 27.72 -15.42
N PRO A 54 -6.50 28.60 -16.33
CA PRO A 54 -6.06 29.95 -15.92
C PRO A 54 -7.17 30.70 -15.23
N VAL A 55 -6.79 31.71 -14.44
CA VAL A 55 -7.77 32.67 -13.91
C VAL A 55 -8.31 33.50 -15.08
N GLU A 56 -9.64 33.64 -15.18
CA GLU A 56 -10.27 34.45 -16.23
C GLU A 56 -9.86 35.91 -16.09
N PRO A 57 -9.30 36.49 -17.17
CA PRO A 57 -8.85 37.88 -17.12
C PRO A 57 -9.99 38.93 -17.18
N ASN A 58 -9.75 40.07 -16.55
CA ASN A 58 -10.71 41.20 -16.49
C ASN A 58 -12.19 40.90 -16.18
N VAL A 59 -12.41 39.94 -15.29
CA VAL A 59 -13.70 39.75 -14.64
C VAL A 59 -13.38 39.42 -13.17
N PRO A 60 -14.33 39.65 -12.26
CA PRO A 60 -14.13 39.25 -10.85
C PRO A 60 -14.12 37.73 -10.75
N PRO A 61 -13.76 37.16 -9.59
CA PRO A 61 -13.80 35.69 -9.50
C PRO A 61 -15.23 35.18 -9.70
N SER A 62 -15.43 34.39 -10.76
CA SER A 62 -16.76 33.94 -11.16
C SER A 62 -16.90 32.41 -11.18
N ARG A 63 -15.82 31.70 -10.86
CA ARG A 63 -15.81 30.24 -10.86
C ARG A 63 -15.52 29.71 -9.46
N TRP A 64 -16.49 28.98 -8.90
CA TRP A 64 -16.44 28.55 -7.52
C TRP A 64 -16.81 27.09 -7.39
N PHE A 65 -16.33 26.43 -6.32
CA PHE A 65 -16.90 25.15 -5.92
C PHE A 65 -17.18 25.13 -4.44
N HIS A 66 -18.00 24.19 -3.99
CA HIS A 66 -18.26 24.08 -2.57
C HIS A 66 -17.67 22.81 -2.02
N VAL A 67 -17.20 22.87 -0.78
CA VAL A 67 -16.87 21.71 0.01
C VAL A 67 -17.81 21.65 1.20
N VAL A 68 -18.44 20.50 1.38
CA VAL A 68 -19.32 20.29 2.52
C VAL A 68 -18.67 19.32 3.51
N LEU A 69 -18.51 19.76 4.75
CA LEU A 69 -17.89 18.92 5.78
C LEU A 69 -18.94 18.60 6.83
N LYS A 70 -19.17 17.30 7.05
CA LYS A 70 -20.30 16.83 7.88
C LYS A 70 -19.82 16.07 9.10
N ALA A 71 -20.47 16.27 10.24
CA ALA A 71 -20.18 15.49 11.45
C ALA A 71 -20.62 14.02 11.34
N SER A 72 -21.58 13.73 10.46
CA SER A 72 -22.08 12.38 10.24
C SER A 72 -22.80 12.33 8.89
N PRO A 73 -23.08 11.12 8.37
CA PRO A 73 -23.70 11.03 7.03
C PRO A 73 -25.06 11.74 6.91
N THR A 74 -25.76 11.95 8.02
CA THR A 74 -27.10 12.54 8.02
C THR A 74 -27.10 14.03 8.34
N SER A 75 -26.02 14.49 8.97
CA SER A 75 -25.94 15.86 9.47
C SER A 75 -25.86 16.90 8.37
N ALA A 76 -26.43 18.08 8.62
CA ALA A 76 -26.18 19.23 7.77
C ALA A 76 -24.72 19.58 7.99
N GLY A 77 -24.02 19.99 6.95
CA GLY A 77 -22.60 20.22 7.05
C GLY A 77 -22.20 21.67 6.88
N LEU A 78 -20.95 21.96 7.22
CA LEU A 78 -20.35 23.28 7.00
C LEU A 78 -20.06 23.37 5.51
N THR A 79 -20.42 24.49 4.89
CA THR A 79 -20.13 24.67 3.47
C THR A 79 -18.97 25.64 3.28
N LEU A 80 -17.96 25.21 2.53
CA LEU A 80 -16.85 26.09 2.19
C LEU A 80 -16.99 26.59 0.75
N ALA A 81 -16.82 27.91 0.56
CA ALA A 81 -16.81 28.50 -0.77
C ALA A 81 -15.37 28.75 -1.22
N ILE A 82 -14.95 28.02 -2.26
CA ILE A 82 -13.54 27.99 -2.66
C ILE A 82 -13.46 28.31 -4.16
N ARG A 83 -12.48 29.14 -4.54
CA ARG A 83 -12.32 29.52 -5.95
C ARG A 83 -11.87 28.31 -6.76
N ALA A 84 -12.50 28.10 -7.93
CA ALA A 84 -12.15 26.97 -8.79
C ALA A 84 -11.00 27.27 -9.73
N ASP A 85 -10.44 28.48 -9.63
CA ASP A 85 -9.27 28.83 -10.44
C ASP A 85 -7.94 28.75 -9.66
N ASN A 86 -7.99 29.03 -8.35
CA ASN A 86 -6.76 29.01 -7.56
C ASN A 86 -6.89 28.31 -6.21
N ILE A 87 -8.09 27.77 -5.95
CA ILE A 87 -8.38 26.99 -4.73
C ILE A 87 -8.27 27.84 -3.45
N TYR A 88 -8.51 29.15 -3.57
CA TYR A 88 -8.54 30.02 -2.39
C TYR A 88 -9.88 29.88 -1.67
N LEU A 89 -9.82 29.65 -0.36
CA LEU A 89 -11.02 29.71 0.47
C LEU A 89 -11.42 31.17 0.68
N GLU A 90 -12.66 31.53 0.36
CA GLU A 90 -13.08 32.92 0.61
C GLU A 90 -14.30 33.05 1.50
N GLY A 91 -15.03 31.96 1.67
CA GLY A 91 -16.27 32.02 2.44
C GLY A 91 -16.68 30.69 3.05
N PHE A 92 -17.54 30.75 4.06
CA PHE A 92 -18.10 29.54 4.64
C PHE A 92 -19.48 29.84 5.19
N LYS A 93 -20.34 28.84 5.18
CA LYS A 93 -21.75 28.99 5.55
C LYS A 93 -22.05 28.24 6.84
N SER A 94 -22.46 28.96 7.88
CA SER A 94 -22.77 28.35 9.16
C SER A 94 -24.17 27.71 9.16
N SER A 95 -24.52 27.04 10.26
CA SER A 95 -25.75 26.26 10.32
C SER A 95 -27.00 27.13 10.22
N ASP A 96 -26.89 28.40 10.63
CA ASP A 96 -28.02 29.31 10.56
C ASP A 96 -28.19 29.94 9.16
N GLY A 97 -27.36 29.52 8.21
CA GLY A 97 -27.46 30.01 6.84
C GLY A 97 -26.60 31.22 6.51
N THR A 98 -25.94 31.76 7.53
CA THR A 98 -25.09 32.95 7.35
C THR A 98 -23.86 32.62 6.50
N TRP A 99 -23.64 33.41 5.45
CA TRP A 99 -22.38 33.35 4.72
C TRP A 99 -21.36 34.28 5.35
N TRP A 100 -20.21 33.73 5.73
CA TRP A 100 -19.10 34.48 6.31
C TRP A 100 -18.03 34.60 5.23
N GLU A 101 -17.38 35.75 5.15
CA GLU A 101 -16.35 35.95 4.14
C GLU A 101 -15.02 36.30 4.79
N LEU A 102 -13.93 36.02 4.07
CA LEU A 102 -12.58 36.23 4.57
C LEU A 102 -11.94 37.45 3.95
N THR A 103 -12.68 38.10 3.06
CA THR A 103 -12.23 39.33 2.40
C THR A 103 -13.42 40.28 2.43
N PRO A 104 -13.26 41.45 3.09
CA PRO A 104 -14.43 42.33 3.24
C PRO A 104 -14.99 42.80 1.89
N GLY A 105 -16.28 42.56 1.67
CA GLY A 105 -16.96 43.06 0.49
C GLY A 105 -16.75 42.26 -0.78
N LEU A 106 -16.21 41.04 -0.64
CA LEU A 106 -15.98 40.21 -1.82
C LEU A 106 -17.23 39.43 -2.22
N ILE A 107 -17.88 38.81 -1.24
CA ILE A 107 -19.01 37.92 -1.50
C ILE A 107 -20.34 38.64 -1.22
N PRO A 108 -21.22 38.72 -2.23
CA PRO A 108 -22.52 39.40 -2.08
C PRO A 108 -23.31 38.84 -0.91
N GLY A 109 -23.70 39.72 0.01
CA GLY A 109 -24.55 39.35 1.13
C GLY A 109 -23.85 38.69 2.29
N ALA A 110 -22.54 38.53 2.19
CA ALA A 110 -21.76 37.83 3.21
C ALA A 110 -21.42 38.76 4.38
N THR A 111 -21.10 38.15 5.52
CA THR A 111 -20.68 38.87 6.71
C THR A 111 -19.19 38.63 6.93
N TYR A 112 -18.41 39.70 7.08
CA TYR A 112 -16.98 39.53 7.28
C TYR A 112 -16.67 38.92 8.64
N VAL A 113 -15.83 37.89 8.63
CA VAL A 113 -15.55 37.13 9.84
C VAL A 113 -14.60 37.85 10.79
N GLY A 114 -13.93 38.90 10.31
CA GLY A 114 -13.10 39.72 11.18
C GLY A 114 -11.61 39.51 11.04
N PHE A 115 -11.24 38.57 10.18
CA PHE A 115 -9.83 38.33 9.85
C PHE A 115 -9.72 37.80 8.43
N GLY A 116 -8.52 37.92 7.85
CA GLY A 116 -8.27 37.49 6.48
C GLY A 116 -7.91 36.02 6.36
N GLY A 117 -7.80 35.53 5.13
CA GLY A 117 -7.58 34.12 4.89
C GLY A 117 -6.18 33.69 4.50
N THR A 118 -5.20 34.60 4.61
CA THR A 118 -3.80 34.22 4.38
C THR A 118 -3.20 33.70 5.66
N TYR A 119 -2.12 32.93 5.56
CA TYR A 119 -1.49 32.39 6.76
C TYR A 119 -0.87 33.48 7.64
N ARG A 120 -0.47 34.58 7.01
CA ARG A 120 -0.02 35.73 7.80
C ARG A 120 -1.18 36.24 8.64
N ASP A 121 -2.38 36.33 8.05
CA ASP A 121 -3.56 36.75 8.80
C ASP A 121 -3.88 35.77 9.94
N LEU A 122 -3.82 34.48 9.61
CA LEU A 122 -4.27 33.44 10.52
C LEU A 122 -3.25 33.07 11.59
N LEU A 123 -1.97 33.05 11.22
CA LEU A 123 -0.92 32.56 12.10
C LEU A 123 0.08 33.64 12.52
N GLY A 124 0.13 34.74 11.76
CA GLY A 124 1.12 35.78 11.98
C GLY A 124 2.27 35.71 10.99
N ASP A 125 2.60 34.49 10.57
CA ASP A 125 3.76 34.25 9.71
C ASP A 125 3.51 32.95 8.94
N THR A 126 3.88 32.91 7.67
CA THR A 126 3.76 31.67 6.89
C THR A 126 4.74 30.62 7.40
N ASP A 127 5.73 31.05 8.19
CA ASP A 127 6.71 30.11 8.72
C ASP A 127 6.11 29.25 9.84
N LYS A 128 4.90 29.57 10.27
CA LYS A 128 4.31 28.85 11.41
C LYS A 128 3.43 27.66 11.05
N LEU A 129 3.40 27.28 9.78
CA LEU A 129 2.59 26.13 9.35
C LEU A 129 2.99 24.85 10.07
N THR A 130 4.27 24.76 10.43
CA THR A 130 4.81 23.59 11.10
C THR A 130 4.34 23.49 12.55
N ASN A 131 3.58 24.48 13.02
CA ASN A 131 3.00 24.45 14.37
C ASN A 131 1.57 23.90 14.41
N VAL A 132 0.97 23.69 13.24
CA VAL A 132 -0.47 23.41 13.18
C VAL A 132 -0.77 21.93 13.33
N ALA A 133 -1.47 21.56 14.40
CA ALA A 133 -1.85 20.17 14.61
C ALA A 133 -2.87 19.74 13.55
N LEU A 134 -2.62 18.61 12.91
CA LEU A 134 -3.56 18.06 11.93
C LEU A 134 -4.05 16.70 12.42
N GLY A 135 -5.30 16.37 12.11
CA GLY A 135 -5.83 15.08 12.56
C GLY A 135 -7.32 15.10 12.60
N ARG A 136 -7.91 13.95 12.92
CA ARG A 136 -9.37 13.83 12.80
C ARG A 136 -10.12 14.74 13.75
N GLN A 137 -9.72 14.79 15.02
CA GLN A 137 -10.42 15.66 15.96
C GLN A 137 -10.24 17.15 15.64
N GLN A 138 -9.08 17.51 15.10
CA GLN A 138 -8.83 18.90 14.69
C GLN A 138 -9.84 19.28 13.62
N LEU A 139 -10.04 18.37 12.67
CA LEU A 139 -11.03 18.58 11.60
C LEU A 139 -12.43 18.72 12.17
N ALA A 140 -12.83 17.76 13.01
CA ALA A 140 -14.15 17.78 13.63
C ALA A 140 -14.38 19.10 14.39
N ASP A 141 -13.40 19.48 15.21
CA ASP A 141 -13.50 20.69 16.03
C ASP A 141 -13.58 21.95 15.17
N ALA A 142 -12.80 21.99 14.10
CA ALA A 142 -12.85 23.11 13.17
C ALA A 142 -14.24 23.25 12.55
N VAL A 143 -14.80 22.12 12.12
CA VAL A 143 -16.14 22.12 11.55
C VAL A 143 -17.16 22.63 12.58
N THR A 144 -17.10 22.10 13.79
CA THR A 144 -18.00 22.52 14.86
C THR A 144 -17.93 24.02 15.15
N ALA A 145 -16.71 24.54 15.28
CA ALA A 145 -16.52 25.96 15.58
C ALA A 145 -17.07 26.88 14.50
N LEU A 146 -16.85 26.54 13.23
CA LEU A 146 -17.30 27.41 12.14
C LEU A 146 -18.78 27.22 11.84
N HIS A 147 -19.25 25.98 11.87
CA HIS A 147 -20.66 25.70 11.57
C HIS A 147 -21.57 26.32 12.65
N GLY A 148 -21.07 26.36 13.89
CA GLY A 148 -21.87 26.85 15.00
C GLY A 148 -21.91 28.36 15.15
N ARG A 149 -21.19 29.06 14.27
CA ARG A 149 -21.16 30.51 14.30
C ARG A 149 -22.53 31.12 13.97
N THR A 150 -22.99 32.08 14.77
CA THR A 150 -24.22 32.79 14.42
C THR A 150 -23.97 34.28 14.24
N LYS A 151 -24.77 34.90 13.36
CA LYS A 151 -24.66 36.32 13.08
C LYS A 151 -24.71 37.15 14.36
N ALA A 152 -25.55 36.73 15.30
CA ALA A 152 -25.83 37.54 16.48
C ALA A 152 -24.90 37.30 17.66
N ASP A 153 -23.94 36.39 17.52
CA ASP A 153 -22.94 36.19 18.56
C ASP A 153 -22.21 37.49 18.82
N LYS A 154 -21.88 37.77 20.08
CA LYS A 154 -20.93 38.83 20.35
C LYS A 154 -19.53 38.21 20.30
N PRO A 155 -18.61 38.85 19.55
CA PRO A 155 -17.27 38.31 19.38
C PRO A 155 -16.41 38.58 20.61
N SER A 156 -15.37 37.78 20.76
CA SER A 156 -14.35 37.99 21.79
C SER A 156 -13.03 37.62 21.17
N GLY A 157 -11.94 38.04 21.81
CA GLY A 157 -10.62 37.58 21.44
C GLY A 157 -10.57 36.07 21.27
N PRO A 158 -10.99 35.32 22.31
CA PRO A 158 -11.01 33.85 22.25
C PRO A 158 -11.83 33.22 21.11
N LYS A 159 -13.03 33.71 20.83
CA LYS A 159 -13.81 33.16 19.72
C LYS A 159 -13.14 33.42 18.37
N GLN A 160 -12.56 34.61 18.23
CA GLN A 160 -11.86 34.97 17.01
C GLN A 160 -10.62 34.09 16.84
N GLN A 161 -9.92 33.83 17.95
CA GLN A 161 -8.73 32.98 17.87
C GLN A 161 -9.10 31.53 17.53
N GLN A 162 -10.20 31.05 18.11
CA GLN A 162 -10.71 29.72 17.77
C GLN A 162 -11.08 29.66 16.30
N ALA A 163 -11.72 30.71 15.81
CA ALA A 163 -12.11 30.74 14.40
C ALA A 163 -10.90 30.77 13.49
N ARG A 164 -9.87 31.54 13.83
CA ARG A 164 -8.67 31.57 13.01
C ARG A 164 -8.05 30.17 12.95
N GLU A 165 -8.02 29.50 14.10
CA GLU A 165 -7.43 28.17 14.18
C GLU A 165 -8.23 27.15 13.37
N ALA A 166 -9.55 27.25 13.42
CA ALA A 166 -10.42 26.36 12.65
C ALA A 166 -10.23 26.57 11.15
N VAL A 167 -10.19 27.83 10.71
CA VAL A 167 -9.92 28.10 9.30
C VAL A 167 -8.57 27.55 8.85
N THR A 168 -7.55 27.73 9.69
CA THR A 168 -6.19 27.24 9.39
C THR A 168 -6.20 25.74 9.21
N THR A 169 -6.92 25.06 10.09
CA THR A 169 -7.05 23.61 10.04
C THR A 169 -7.69 23.16 8.75
N LEU A 170 -8.78 23.82 8.34
CA LEU A 170 -9.43 23.44 7.11
C LEU A 170 -8.57 23.77 5.89
N LEU A 171 -7.87 24.90 5.91
CA LEU A 171 -6.98 25.24 4.80
C LEU A 171 -5.97 24.14 4.54
N LEU A 172 -5.33 23.64 5.59
CA LEU A 172 -4.35 22.58 5.43
C LEU A 172 -4.99 21.27 5.02
N MSE A 173 -6.09 20.90 5.67
CA MSE A 173 -6.66 19.56 5.45
C MSE A 173 -7.57 19.44 4.22
O MSE A 173 -7.88 18.33 3.77
CB MSE A 173 -7.34 19.05 6.72
CG MSE A 173 -6.38 18.87 7.87
SE MSE A 173 -7.32 18.29 9.47
CE MSE A 173 -7.71 16.45 8.87
N VAL A 174 -7.99 20.57 3.66
CA VAL A 174 -8.77 20.58 2.43
C VAL A 174 -8.00 21.23 1.28
N ASN A 175 -7.75 22.53 1.38
CA ASN A 175 -7.12 23.27 0.28
C ASN A 175 -5.68 22.85 -0.03
N GLU A 176 -4.81 22.79 0.98
CA GLU A 176 -3.42 22.38 0.72
C GLU A 176 -3.35 20.91 0.38
N ALA A 177 -4.17 20.09 1.01
CA ALA A 177 -4.26 18.67 0.66
C ALA A 177 -4.68 18.48 -0.81
N THR A 178 -5.58 19.33 -1.29
CA THR A 178 -5.96 19.30 -2.71
C THR A 178 -4.75 19.63 -3.60
N ARG A 179 -4.02 20.68 -3.22
CA ARG A 179 -2.85 21.12 -3.98
C ARG A 179 -1.69 20.13 -3.98
N PHE A 180 -1.50 19.42 -2.87
CA PHE A 180 -0.27 18.62 -2.65
C PHE A 180 -0.54 17.19 -2.25
N GLN A 181 0.00 16.25 -3.02
CA GLN A 181 -0.07 14.84 -2.64
C GLN A 181 0.72 14.56 -1.37
N THR A 182 1.76 15.34 -1.12
CA THR A 182 2.51 15.18 0.12
C THR A 182 1.61 15.48 1.30
N VAL A 183 0.93 16.61 1.25
CA VAL A 183 0.01 16.99 2.33
C VAL A 183 -1.20 16.06 2.44
N SER A 184 -1.83 15.72 1.31
CA SER A 184 -3.00 14.83 1.38
C SER A 184 -2.60 13.46 1.91
N GLY A 185 -1.44 12.97 1.50
CA GLY A 185 -0.97 11.67 1.99
C GLY A 185 -0.67 11.70 3.49
N PHE A 186 -0.10 12.82 3.94
CA PHE A 186 0.22 12.99 5.36
C PHE A 186 -1.06 13.05 6.18
N VAL A 187 -2.04 13.81 5.72
CA VAL A 187 -3.31 13.88 6.43
C VAL A 187 -4.02 12.52 6.43
N ALA A 188 -4.05 11.86 5.27
CA ALA A 188 -4.67 10.53 5.17
C ALA A 188 -4.00 9.55 6.13
N GLY A 189 -2.70 9.70 6.31
CA GLY A 189 -1.95 8.81 7.18
C GLY A 189 -2.30 8.98 8.65
N LEU A 190 -2.86 10.13 9.01
CA LEU A 190 -3.28 10.42 10.38
C LEU A 190 -4.72 9.99 10.70
N LEU A 191 -5.48 9.60 9.68
CA LEU A 191 -6.86 9.19 9.88
C LEU A 191 -6.93 7.67 10.05
N HIS A 192 -7.58 7.23 11.12
CA HIS A 192 -7.59 5.81 11.47
C HIS A 192 -9.00 5.39 11.88
N PRO A 193 -9.27 4.08 11.90
CA PRO A 193 -10.58 3.62 12.39
C PRO A 193 -10.74 3.92 13.88
N LYS A 194 -11.97 3.82 14.39
CA LYS A 194 -12.29 4.11 15.79
C LYS A 194 -11.53 3.24 16.79
N ALA A 195 -11.19 2.02 16.38
CA ALA A 195 -10.48 1.09 17.25
C ALA A 195 -9.01 1.47 17.45
N VAL A 196 -8.54 2.49 16.73
CA VAL A 196 -7.18 2.98 16.86
C VAL A 196 -7.19 4.25 17.71
N ALA A 197 -6.14 4.49 18.49
CA ALA A 197 -6.08 5.70 19.33
C ALA A 197 -6.23 6.96 18.48
N ALA A 198 -6.83 7.99 19.06
CA ALA A 198 -6.88 9.30 18.42
C ALA A 198 -5.46 9.75 18.07
N ALA A 199 -5.29 10.33 16.88
CA ALA A 199 -3.97 10.61 16.32
C ALA A 199 -3.90 12.05 15.79
N SER A 200 -2.70 12.63 15.84
CA SER A 200 -2.46 13.93 15.22
C SER A 200 -0.96 14.07 14.95
N GLY A 201 -0.59 15.03 14.12
CA GLY A 201 0.81 15.25 13.78
C GLY A 201 0.92 16.56 13.05
N LYS A 202 2.15 17.01 12.80
CA LYS A 202 2.41 18.29 12.16
C LYS A 202 3.33 18.12 10.97
N ILE A 203 3.16 18.94 9.95
CA ILE A 203 3.98 18.84 8.75
C ILE A 203 5.41 19.28 9.04
N GLY A 204 6.35 18.81 8.22
CA GLY A 204 7.74 19.22 8.32
C GLY A 204 8.07 20.38 7.40
N ASN A 205 9.35 20.74 7.35
CA ASN A 205 9.76 21.93 6.62
C ASN A 205 9.58 21.78 5.10
N GLU A 206 9.64 20.55 4.60
CA GLU A 206 9.51 20.35 3.15
C GLU A 206 8.10 20.71 2.71
N MSE A 207 7.12 20.16 3.41
CA MSE A 207 5.73 20.44 3.08
C MSE A 207 5.39 21.89 3.36
O MSE A 207 4.60 22.49 2.63
CB MSE A 207 4.79 19.51 3.84
CG MSE A 207 4.75 18.13 3.25
SE MSE A 207 3.55 16.95 4.30
CE MSE A 207 4.60 16.78 5.86
N LYS A 208 6.01 22.46 4.39
CA LYS A 208 5.80 23.89 4.65
C LYS A 208 6.29 24.71 3.45
N ALA A 209 7.45 24.36 2.93
CA ALA A 209 8.01 25.10 1.79
C ALA A 209 7.18 24.86 0.53
N GLN A 210 6.66 23.65 0.35
CA GLN A 210 5.76 23.37 -0.77
C GLN A 210 4.52 24.26 -0.70
N VAL A 211 3.84 24.25 0.45
CA VAL A 211 2.63 25.06 0.64
C VAL A 211 2.94 26.52 0.37
N ASN A 212 4.12 26.97 0.77
CA ASN A 212 4.47 28.38 0.58
C ASN A 212 4.96 28.72 -0.82
N GLY A 213 5.10 27.72 -1.68
CA GLY A 213 5.64 27.92 -3.01
C GLY A 213 4.91 27.16 -4.09
N TRP A 214 3.60 27.01 -3.92
CA TRP A 214 2.78 26.31 -4.90
C TRP A 214 2.96 26.85 -6.33
N GLN A 215 2.94 28.16 -6.50
CA GLN A 215 3.13 28.72 -7.85
C GLN A 215 4.53 28.37 -8.36
N ASP A 216 5.53 28.50 -7.49
CA ASP A 216 6.91 28.19 -7.87
C ASP A 216 7.09 26.76 -8.34
N LEU A 217 6.53 25.82 -7.59
CA LEU A 217 6.64 24.40 -7.94
C LEU A 217 5.86 24.09 -9.22
N SER A 218 4.67 24.68 -9.35
CA SER A 218 3.85 24.50 -10.55
C SER A 218 4.61 25.02 -11.76
N ALA A 219 5.16 26.22 -11.65
CA ALA A 219 5.92 26.83 -12.73
C ALA A 219 7.14 25.99 -13.12
N ALA A 220 7.87 25.47 -12.13
CA ALA A 220 9.07 24.68 -12.39
C ALA A 220 8.78 23.40 -13.16
N LEU A 221 7.65 22.75 -12.88
CA LEU A 221 7.29 21.56 -13.62
C LEU A 221 6.79 21.91 -15.03
N LEU A 222 5.94 22.94 -15.13
CA LEU A 222 5.42 23.42 -16.42
C LEU A 222 6.55 23.75 -17.40
N LYS A 223 7.65 24.31 -16.89
CA LYS A 223 8.79 24.63 -17.74
C LYS A 223 9.38 23.41 -18.43
N THR A 224 9.29 22.24 -17.81
CA THR A 224 9.83 21.02 -18.42
C THR A 224 9.02 20.52 -19.62
N ASP A 225 7.80 21.01 -19.77
CA ASP A 225 6.94 20.56 -20.87
C ASP A 225 7.16 21.40 -22.13
N VAL A 226 7.82 22.54 -21.97
CA VAL A 226 7.99 23.47 -23.08
C VAL A 226 8.91 22.86 -24.13
N LYS A 227 8.45 22.77 -25.38
CA LYS A 227 9.31 22.23 -26.42
C LYS A 227 10.48 23.16 -26.67
N PRO A 228 11.69 22.60 -26.71
CA PRO A 228 12.92 23.38 -26.84
C PRO A 228 13.08 23.98 -28.23
N PRO A 229 13.59 25.22 -28.32
CA PRO A 229 13.88 25.98 -29.55
C PRO A 229 14.72 25.15 -30.53
N PRO A 230 14.91 25.62 -31.78
CA PRO A 230 15.66 24.71 -32.65
C PRO A 230 17.09 24.54 -32.15
N GLY A 231 17.52 23.28 -31.99
CA GLY A 231 18.85 22.98 -31.52
C GLY A 231 18.97 22.52 -30.07
N LYS A 232 17.97 22.84 -29.24
CA LYS A 232 18.09 22.61 -27.80
C LYS A 232 17.58 21.25 -27.32
N SER A 233 18.24 20.71 -26.29
CA SER A 233 17.77 19.55 -25.56
C SER A 233 16.61 20.00 -24.68
N PRO A 234 15.70 19.08 -24.30
CA PRO A 234 14.53 19.53 -23.52
C PRO A 234 14.91 20.14 -22.17
N ALA A 235 14.14 21.14 -21.73
CA ALA A 235 14.37 21.81 -20.46
C ALA A 235 14.41 20.79 -19.34
N LYS A 236 15.37 20.95 -18.43
CA LYS A 236 15.52 20.01 -17.31
C LYS A 236 14.89 20.61 -16.05
N PHE A 237 14.32 19.77 -15.20
CA PHE A 237 13.70 20.28 -13.97
C PHE A 237 14.76 20.92 -13.08
N ALA A 238 14.44 22.10 -12.56
CA ALA A 238 15.33 22.80 -11.63
C ALA A 238 14.90 22.56 -10.19
N PRO A 239 15.71 21.78 -9.45
CA PRO A 239 15.47 21.42 -8.05
C PRO A 239 15.12 22.61 -7.17
N ILE A 240 14.17 22.38 -6.26
CA ILE A 240 13.86 23.35 -5.22
C ILE A 240 14.17 22.61 -3.91
N GLU A 241 15.41 22.74 -3.45
CA GLU A 241 15.92 21.91 -2.37
C GLU A 241 15.10 22.02 -1.09
N LYS A 242 14.57 23.21 -0.83
CA LYS A 242 13.86 23.47 0.41
C LYS A 242 12.58 22.63 0.48
N MSE A 243 12.02 22.30 -0.69
CA MSE A 243 10.82 21.48 -0.77
C MSE A 243 11.15 20.00 -0.78
O MSE A 243 10.25 19.15 -0.78
CB MSE A 243 10.04 21.80 -2.05
CG MSE A 243 9.41 23.16 -2.07
SE MSE A 243 8.48 23.43 -3.76
CE MSE A 243 8.21 25.34 -3.51
N GLY A 244 12.44 19.67 -0.85
CA GLY A 244 12.86 18.28 -1.00
C GLY A 244 12.50 17.74 -2.36
N VAL A 245 12.35 18.62 -3.34
CA VAL A 245 11.96 18.20 -4.68
C VAL A 245 13.10 18.45 -5.64
N ARG A 246 13.81 17.40 -6.05
CA ARG A 246 14.98 17.58 -6.90
C ARG A 246 14.78 17.19 -8.36
N THR A 247 13.76 16.39 -8.65
CA THR A 247 13.52 15.90 -10.01
C THR A 247 12.08 16.14 -10.45
N ALA A 248 11.84 16.05 -11.75
CA ALA A 248 10.49 16.22 -12.28
C ALA A 248 9.58 15.12 -11.75
N VAL A 249 10.11 13.91 -11.65
CA VAL A 249 9.34 12.79 -11.11
C VAL A 249 8.92 13.09 -9.66
N GLN A 250 9.84 13.65 -8.87
CA GLN A 250 9.50 14.02 -7.50
C GLN A 250 8.48 15.15 -7.48
N ALA A 251 8.59 16.07 -8.44
CA ALA A 251 7.62 17.16 -8.53
C ALA A 251 6.24 16.64 -8.88
N ALA A 252 6.16 15.66 -9.77
CA ALA A 252 4.87 15.08 -10.16
C ALA A 252 4.22 14.36 -8.99
N ASN A 253 5.03 13.63 -8.22
CA ASN A 253 4.54 12.94 -7.03
C ASN A 253 4.12 13.89 -5.91
N THR A 254 4.60 15.12 -5.97
CA THR A 254 4.33 16.12 -4.94
C THR A 254 3.07 16.93 -5.26
N LEU A 255 2.91 17.30 -6.53
CA LEU A 255 1.81 18.15 -6.93
C LEU A 255 0.50 17.41 -7.07
N GLY A 256 -0.50 17.80 -6.28
CA GLY A 256 -1.85 17.28 -6.41
C GLY A 256 -2.54 17.86 -7.64
N ILE A 257 -2.50 19.18 -7.75
CA ILE A 257 -2.97 19.87 -8.96
C ILE A 257 -2.14 21.13 -9.11
N LEU A 258 -1.77 21.45 -10.34
CA LEU A 258 -0.90 22.62 -10.60
C LEU A 258 -1.72 23.90 -10.72
N LEU A 259 -1.19 25.00 -10.20
CA LEU A 259 -1.74 26.31 -10.46
C LEU A 259 -1.32 26.64 -11.89
N PHE A 260 -2.20 27.22 -12.69
CA PHE A 260 -1.76 27.58 -14.03
C PHE A 260 -0.77 28.73 -13.92
N VAL A 261 0.37 28.60 -14.61
CA VAL A 261 1.34 29.69 -14.65
C VAL A 261 1.76 29.90 -16.10
N GLU A 262 1.79 31.15 -16.55
CA GLU A 262 2.34 31.44 -17.86
C GLU A 262 3.85 31.33 -17.80
N VAL A 263 4.42 30.35 -18.48
CA VAL A 263 5.87 30.23 -18.56
C VAL A 263 6.34 30.51 -19.99
N PRO A 264 7.58 30.99 -20.14
CA PRO A 264 8.12 31.28 -21.48
C PRO A 264 8.02 30.09 -22.42
N GLY A 265 7.33 30.26 -23.55
CA GLY A 265 7.18 29.17 -24.51
C GLY A 265 6.04 28.22 -24.18
N GLY A 266 5.41 28.43 -23.03
CA GLY A 266 4.26 27.63 -22.66
C GLY A 266 2.96 28.30 -23.08
N LEU A 267 1.84 27.66 -22.73
CA LEU A 267 0.52 28.22 -22.97
C LEU A 267 0.31 29.58 -22.32
N THR A 268 -0.37 30.48 -23.02
CA THR A 268 -0.80 31.73 -22.45
C THR A 268 -2.11 31.51 -21.73
N VAL A 269 -2.47 32.46 -20.87
CA VAL A 269 -3.80 32.48 -20.25
C VAL A 269 -4.93 32.31 -21.27
N ALA A 270 -4.90 33.09 -22.34
CA ALA A 270 -6.00 33.02 -23.31
C ALA A 270 -6.07 31.66 -23.98
N LYS A 271 -4.91 31.14 -24.36
CA LYS A 271 -4.87 29.89 -25.11
C LYS A 271 -5.28 28.70 -24.22
N ALA A 272 -4.82 28.69 -22.98
CA ALA A 272 -5.17 27.58 -22.08
C ALA A 272 -6.66 27.60 -21.76
N LEU A 273 -7.25 28.79 -21.68
CA LEU A 273 -8.70 28.90 -21.48
C LEU A 273 -9.44 28.48 -22.73
N GLU A 274 -8.87 28.77 -23.89
CA GLU A 274 -9.48 28.33 -25.14
C GLU A 274 -9.55 26.81 -25.18
N LEU A 275 -8.45 26.15 -24.80
CA LEU A 275 -8.41 24.70 -24.81
C LEU A 275 -9.35 24.12 -23.75
N PHE A 276 -9.39 24.78 -22.59
CA PHE A 276 -10.29 24.39 -21.52
C PHE A 276 -11.73 24.40 -22.04
N HIS A 277 -12.13 25.48 -22.71
CA HIS A 277 -13.51 25.54 -23.20
C HIS A 277 -13.77 24.51 -24.29
N ALA A 278 -12.81 24.35 -25.19
CA ALA A 278 -12.93 23.38 -26.29
C ALA A 278 -13.09 21.94 -25.78
N SER A 279 -12.61 21.69 -24.56
CA SER A 279 -12.63 20.35 -24.01
C SER A 279 -13.84 20.14 -23.10
N GLY A 280 -14.70 21.15 -23.03
CA GLY A 280 -15.95 21.05 -22.30
C GLY A 280 -15.89 21.69 -20.93
N GLY A 281 -14.78 22.36 -20.64
CA GLY A 281 -14.62 23.02 -19.36
C GLY A 281 -15.54 24.20 -19.10
N LYS A 282 -16.01 24.31 -17.86
CA LYS A 282 -16.79 25.47 -17.43
C LYS A 282 -16.16 26.05 -16.18
N LYS B 5 26.40 0.23 39.31
CA LYS B 5 26.91 -1.11 39.01
C LYS B 5 27.10 -1.29 37.50
N MSE B 6 28.29 -1.73 37.12
CA MSE B 6 28.60 -1.97 35.71
C MSE B 6 27.70 -3.04 35.11
O MSE B 6 27.37 -4.04 35.75
CB MSE B 6 30.05 -2.43 35.56
CG MSE B 6 31.08 -1.40 35.91
SE MSE B 6 32.52 -1.50 34.62
CE MSE B 6 32.14 0.15 33.65
N ALA B 7 27.30 -2.80 33.86
CA ALA B 7 26.48 -3.77 33.14
C ALA B 7 27.32 -4.97 32.72
N LYS B 8 26.65 -6.07 32.37
CA LYS B 8 27.31 -7.27 31.89
C LYS B 8 26.72 -7.60 30.53
N ASN B 9 27.50 -8.25 29.68
CA ASN B 9 27.01 -8.77 28.40
C ASN B 9 26.60 -7.69 27.39
N VAL B 10 27.05 -6.46 27.59
CA VAL B 10 26.82 -5.43 26.58
C VAL B 10 27.48 -5.82 25.26
N ASP B 11 28.62 -6.52 25.38
CA ASP B 11 29.36 -6.99 24.22
C ASP B 11 28.90 -8.37 23.76
N LYS B 12 27.85 -8.89 24.40
CA LYS B 12 27.30 -10.20 24.01
C LYS B 12 25.80 -10.06 23.78
N PRO B 13 25.40 -9.31 22.75
CA PRO B 13 23.98 -9.02 22.56
C PRO B 13 23.16 -10.29 22.33
N LEU B 14 21.93 -10.31 22.83
CA LEU B 14 21.04 -11.44 22.62
C LEU B 14 20.70 -11.57 21.13
N PHE B 15 20.64 -10.43 20.45
CA PHE B 15 20.46 -10.39 19.00
C PHE B 15 20.91 -9.04 18.46
N THR B 16 21.08 -8.95 17.14
CA THR B 16 21.42 -7.70 16.48
C THR B 16 20.36 -7.45 15.41
N ALA B 17 19.73 -6.29 15.43
CA ALA B 17 18.80 -5.91 14.36
C ALA B 17 19.43 -4.83 13.48
N THR B 18 19.30 -4.96 12.17
CA THR B 18 20.00 -4.06 11.25
C THR B 18 19.01 -3.36 10.32
N PHE B 19 19.20 -2.05 10.14
CA PHE B 19 18.41 -1.27 9.18
C PHE B 19 19.33 -0.40 8.32
N ASN B 20 19.12 -0.45 7.00
CA ASN B 20 19.75 0.44 6.04
C ASN B 20 18.88 1.70 5.92
N VAL B 21 19.43 2.87 6.23
CA VAL B 21 18.62 4.08 6.33
C VAL B 21 17.94 4.46 5.02
N GLN B 22 18.44 3.91 3.90
CA GLN B 22 17.83 4.18 2.60
C GLN B 22 16.77 3.16 2.21
N ALA B 23 16.48 2.20 3.10
CA ALA B 23 15.57 1.10 2.77
C ALA B 23 14.09 1.51 2.79
N SER B 24 13.23 0.63 2.28
CA SER B 24 11.82 0.97 2.12
C SER B 24 11.08 1.07 3.44
N SER B 25 9.95 1.77 3.43
CA SER B 25 9.05 1.79 4.57
C SER B 25 8.68 0.37 5.01
N ALA B 26 8.43 -0.52 4.03
CA ALA B 26 8.13 -1.91 4.36
C ALA B 26 9.27 -2.55 5.14
N ASP B 27 10.50 -2.27 4.73
CA ASP B 27 11.66 -2.86 5.37
C ASP B 27 11.84 -2.29 6.78
N TYR B 28 11.47 -1.02 6.95
CA TYR B 28 11.55 -0.39 8.27
C TYR B 28 10.55 -1.04 9.21
N ALA B 29 9.34 -1.26 8.71
CA ALA B 29 8.29 -1.87 9.52
C ALA B 29 8.68 -3.28 9.96
N THR B 30 9.30 -4.03 9.06
CA THR B 30 9.70 -5.40 9.44
C THR B 30 10.87 -5.38 10.43
N PHE B 31 11.76 -4.41 10.27
CA PHE B 31 12.87 -4.18 11.19
C PHE B 31 12.32 -3.90 12.59
N ILE B 32 11.40 -2.95 12.71
CA ILE B 32 10.78 -2.69 14.01
C ILE B 32 10.08 -3.94 14.56
N ALA B 33 9.25 -4.59 13.74
CA ALA B 33 8.51 -5.77 14.20
C ALA B 33 9.44 -6.88 14.69
N GLY B 34 10.57 -7.04 14.00
CA GLY B 34 11.57 -8.05 14.35
C GLY B 34 12.16 -7.80 15.72
N ILE B 35 12.42 -6.54 16.04
CA ILE B 35 12.91 -6.19 17.38
C ILE B 35 11.91 -6.55 18.46
N ARG B 36 10.64 -6.16 18.29
CA ARG B 36 9.60 -6.51 19.25
C ARG B 36 9.53 -8.01 19.49
N ASN B 37 9.55 -8.77 18.41
CA ASN B 37 9.44 -10.22 18.52
C ASN B 37 10.60 -10.85 19.28
N LYS B 38 11.82 -10.39 19.03
CA LYS B 38 12.98 -10.96 19.71
C LYS B 38 13.10 -10.53 21.16
N LEU B 39 12.45 -9.42 21.50
CA LEU B 39 12.41 -8.92 22.89
C LEU B 39 11.35 -9.58 23.76
N ARG B 40 10.41 -10.29 23.14
CA ARG B 40 9.20 -10.75 23.81
C ARG B 40 9.46 -11.78 24.92
N ASN B 41 8.60 -11.78 25.92
CA ASN B 41 8.47 -12.94 26.81
C ASN B 41 7.48 -13.89 26.13
N PRO B 42 7.95 -15.06 25.66
CA PRO B 42 7.06 -15.94 24.91
C PRO B 42 5.84 -16.35 25.71
N ALA B 43 5.97 -16.36 27.03
CA ALA B 43 4.89 -16.81 27.92
C ALA B 43 3.98 -15.69 28.38
N HIS B 44 4.25 -14.46 27.98
CA HIS B 44 3.45 -13.32 28.46
C HIS B 44 3.09 -12.34 27.34
N PHE B 45 1.86 -12.43 26.85
CA PHE B 45 1.30 -11.47 25.91
C PHE B 45 0.10 -10.81 26.55
N SER B 46 -0.25 -9.62 26.08
CA SER B 46 -1.47 -8.95 26.53
C SER B 46 -2.21 -8.41 25.33
N HIS B 47 -3.44 -8.89 25.13
CA HIS B 47 -4.24 -8.49 23.97
C HIS B 47 -3.47 -8.64 22.65
N ASN B 48 -2.80 -9.77 22.50
CA ASN B 48 -1.99 -10.11 21.32
C ASN B 48 -0.75 -9.23 21.15
N ARG B 49 -0.41 -8.43 22.16
CA ARG B 49 0.80 -7.62 22.11
C ARG B 49 1.86 -8.26 23.00
N PRO B 50 3.12 -8.23 22.54
CA PRO B 50 4.21 -8.82 23.34
C PRO B 50 4.44 -8.02 24.61
N VAL B 51 4.84 -8.70 25.68
CA VAL B 51 5.27 -8.03 26.90
C VAL B 51 6.71 -8.41 27.13
N LEU B 52 7.52 -7.43 27.48
CA LEU B 52 8.91 -7.67 27.85
C LEU B 52 9.00 -8.54 29.08
N PRO B 53 10.08 -9.31 29.20
CA PRO B 53 10.27 -9.96 30.50
C PRO B 53 10.60 -8.91 31.54
N PRO B 54 10.37 -9.23 32.82
CA PRO B 54 10.77 -8.34 33.90
C PRO B 54 12.25 -8.00 33.88
N VAL B 55 12.60 -6.88 34.49
CA VAL B 55 14.00 -6.60 34.77
C VAL B 55 14.44 -7.62 35.81
N GLU B 56 15.62 -8.22 35.60
CA GLU B 56 16.14 -9.20 36.55
C GLU B 56 16.52 -8.49 37.86
N PRO B 57 16.00 -8.98 38.99
CA PRO B 57 16.27 -8.37 40.31
C PRO B 57 17.63 -8.77 40.88
N ASN B 58 18.24 -7.87 41.63
CA ASN B 58 19.47 -8.13 42.38
C ASN B 58 20.73 -8.37 41.54
N VAL B 59 20.66 -8.08 40.24
CA VAL B 59 21.84 -8.12 39.37
C VAL B 59 21.86 -6.86 38.50
N PRO B 60 23.05 -6.45 38.04
CA PRO B 60 23.15 -5.31 37.12
C PRO B 60 22.55 -5.65 35.76
N PRO B 61 22.28 -4.65 34.92
CA PRO B 61 21.69 -4.91 33.59
C PRO B 61 22.59 -5.86 32.82
N SER B 62 22.08 -7.06 32.55
CA SER B 62 22.87 -8.15 31.98
C SER B 62 22.31 -8.62 30.64
N ARG B 63 21.23 -7.99 30.20
CA ARG B 63 20.56 -8.42 28.97
C ARG B 63 20.50 -7.28 27.97
N TRP B 64 21.16 -7.46 26.83
CA TRP B 64 21.34 -6.39 25.86
C TRP B 64 21.07 -6.87 24.45
N PHE B 65 20.72 -5.92 23.58
CA PHE B 65 20.71 -6.21 22.15
C PHE B 65 21.35 -5.05 21.39
N HIS B 66 21.74 -5.31 20.14
CA HIS B 66 22.30 -4.27 19.33
C HIS B 66 21.38 -3.91 18.19
N VAL B 67 21.42 -2.64 17.81
CA VAL B 67 20.84 -2.18 16.57
C VAL B 67 21.96 -1.59 15.74
N VAL B 68 22.08 -2.03 14.49
CA VAL B 68 23.07 -1.49 13.58
C VAL B 68 22.36 -0.66 12.52
N LEU B 69 22.74 0.61 12.40
CA LEU B 69 22.16 1.49 11.39
C LEU B 69 23.17 1.81 10.31
N LYS B 70 22.82 1.52 9.06
CA LYS B 70 23.75 1.68 7.96
C LYS B 70 23.34 2.76 6.96
N ALA B 71 24.32 3.56 6.54
CA ALA B 71 24.06 4.65 5.60
C ALA B 71 23.74 4.08 4.23
N SER B 72 24.22 2.87 3.97
CA SER B 72 23.98 2.18 2.70
C SER B 72 24.08 0.66 2.94
N PRO B 73 23.54 -0.14 2.01
CA PRO B 73 23.55 -1.61 2.18
C PRO B 73 24.96 -2.19 2.41
N THR B 74 26.00 -1.50 1.99
CA THR B 74 27.36 -2.01 2.15
C THR B 74 28.23 -1.14 3.08
N SER B 75 27.62 -0.16 3.73
CA SER B 75 28.35 0.71 4.65
C SER B 75 28.57 0.05 6.00
N ALA B 76 29.69 0.36 6.65
CA ALA B 76 29.90 -0.04 8.03
C ALA B 76 28.86 0.72 8.83
N GLY B 77 28.25 0.07 9.81
CA GLY B 77 27.12 0.68 10.50
C GLY B 77 27.44 1.30 11.84
N LEU B 78 26.54 2.15 12.31
CA LEU B 78 26.54 2.65 13.67
C LEU B 78 25.87 1.60 14.55
N THR B 79 26.53 1.20 15.62
CA THR B 79 25.97 0.18 16.51
C THR B 79 25.41 0.84 17.77
N LEU B 80 24.17 0.49 18.08
CA LEU B 80 23.50 0.99 19.29
C LEU B 80 23.43 -0.13 20.31
N ALA B 81 23.78 0.19 21.55
CA ALA B 81 23.66 -0.78 22.65
C ALA B 81 22.40 -0.44 23.43
N ILE B 82 21.45 -1.36 23.45
CA ILE B 82 20.13 -1.09 24.03
C ILE B 82 19.76 -2.20 25.01
N ARG B 83 19.21 -1.83 26.17
CA ARG B 83 18.79 -2.86 27.14
C ARG B 83 17.64 -3.70 26.61
N ALA B 84 17.72 -5.00 26.81
CA ALA B 84 16.67 -5.91 26.36
C ALA B 84 15.52 -6.03 27.35
N ASP B 85 15.63 -5.37 28.50
CA ASP B 85 14.55 -5.44 29.48
C ASP B 85 13.64 -4.21 29.48
N ASN B 86 14.18 -3.04 29.16
CA ASN B 86 13.35 -1.83 29.12
C ASN B 86 13.58 -0.97 27.88
N ILE B 87 14.41 -1.46 26.97
CA ILE B 87 14.68 -0.79 25.68
C ILE B 87 15.33 0.59 25.86
N TYR B 88 16.05 0.79 26.95
CA TYR B 88 16.84 2.02 27.10
C TYR B 88 18.09 1.99 26.23
N LEU B 89 18.29 3.04 25.45
CA LEU B 89 19.54 3.23 24.72
C LEU B 89 20.59 3.67 25.73
N GLU B 90 21.72 2.95 25.79
CA GLU B 90 22.77 3.31 26.72
C GLU B 90 24.13 3.53 26.09
N GLY B 91 24.30 3.13 24.83
CA GLY B 91 25.58 3.32 24.19
C GLY B 91 25.53 3.30 22.68
N PHE B 92 26.54 3.90 22.04
CA PHE B 92 26.72 3.79 20.60
C PHE B 92 28.20 3.69 20.26
N LYS B 93 28.51 2.96 19.18
CA LYS B 93 29.89 2.75 18.80
C LYS B 93 30.19 3.53 17.53
N SER B 94 31.12 4.46 17.62
CA SER B 94 31.43 5.32 16.47
C SER B 94 32.37 4.60 15.50
N SER B 95 32.60 5.19 14.33
CA SER B 95 33.37 4.52 13.29
C SER B 95 34.80 4.23 13.73
N ASP B 96 35.37 5.06 14.60
CA ASP B 96 36.74 4.85 15.06
C ASP B 96 36.86 3.70 16.07
N GLY B 97 35.73 3.12 16.46
CA GLY B 97 35.74 1.97 17.36
C GLY B 97 35.37 2.29 18.80
N THR B 98 35.27 3.58 19.10
CA THR B 98 34.97 4.01 20.47
C THR B 98 33.52 3.74 20.84
N TRP B 99 33.32 3.08 21.98
CA TRP B 99 31.99 2.96 22.57
C TRP B 99 31.71 4.16 23.48
N TRP B 100 30.64 4.88 23.16
CA TRP B 100 30.24 6.05 23.92
C TRP B 100 29.01 5.68 24.75
N GLU B 101 29.03 6.01 26.05
CA GLU B 101 27.92 5.64 26.91
C GLU B 101 27.13 6.87 27.36
N LEU B 102 25.84 6.66 27.65
CA LEU B 102 24.96 7.73 28.07
C LEU B 102 24.78 7.72 29.58
N THR B 103 25.38 6.73 30.24
CA THR B 103 25.37 6.64 31.69
C THR B 103 26.81 6.39 32.14
N PRO B 104 27.39 7.33 32.91
CA PRO B 104 28.80 7.17 33.28
C PRO B 104 29.04 5.87 34.04
N GLY B 105 30.02 5.07 33.60
CA GLY B 105 30.40 3.84 34.28
C GLY B 105 29.45 2.67 34.14
N LEU B 106 28.53 2.71 33.18
CA LEU B 106 27.60 1.60 32.98
C LEU B 106 28.18 0.53 32.06
N ILE B 107 28.76 0.97 30.94
CA ILE B 107 29.29 0.04 29.95
C ILE B 107 30.80 -0.12 30.14
N PRO B 108 31.25 -1.37 30.40
CA PRO B 108 32.68 -1.60 30.56
C PRO B 108 33.48 -1.07 29.38
N GLY B 109 34.52 -0.29 29.68
CA GLY B 109 35.42 0.19 28.65
C GLY B 109 34.94 1.39 27.86
N ALA B 110 33.69 1.79 28.08
CA ALA B 110 33.10 2.89 27.31
C ALA B 110 33.54 4.26 27.81
N THR B 111 33.30 5.28 26.98
CA THR B 111 33.61 6.67 27.31
C THR B 111 32.31 7.46 27.42
N TYR B 112 32.09 8.11 28.57
CA TYR B 112 30.89 8.93 28.74
C TYR B 112 30.78 10.00 27.65
N VAL B 113 29.59 10.13 27.05
CA VAL B 113 29.43 11.02 25.91
C VAL B 113 29.31 12.47 26.35
N GLY B 114 29.03 12.68 27.63
CA GLY B 114 28.98 14.03 28.18
C GLY B 114 27.58 14.49 28.56
N PHE B 115 26.59 13.64 28.33
CA PHE B 115 25.19 13.94 28.66
C PHE B 115 24.42 12.63 28.80
N GLY B 116 23.25 12.70 29.43
CA GLY B 116 22.43 11.53 29.66
C GLY B 116 21.50 11.22 28.51
N GLY B 117 20.79 10.11 28.61
CA GLY B 117 19.93 9.65 27.54
C GLY B 117 18.43 9.78 27.75
N THR B 118 18.03 10.64 28.70
CA THR B 118 16.61 10.93 28.93
C THR B 118 16.25 12.18 28.13
N TYR B 119 14.98 12.38 27.81
CA TYR B 119 14.61 13.59 27.07
C TYR B 119 14.87 14.84 27.90
N ARG B 120 14.88 14.72 29.22
CA ARG B 120 15.29 15.83 30.08
C ARG B 120 16.71 16.26 29.72
N ASP B 121 17.60 15.28 29.59
CA ASP B 121 19.00 15.56 29.26
C ASP B 121 19.17 16.02 27.82
N LEU B 122 18.36 15.47 26.92
CA LEU B 122 18.55 15.69 25.49
C LEU B 122 17.83 16.93 24.94
N LEU B 123 16.64 17.20 25.48
CA LEU B 123 15.77 18.26 24.98
C LEU B 123 15.55 19.38 25.99
N GLY B 124 15.84 19.09 27.26
CA GLY B 124 15.60 20.04 28.33
C GLY B 124 14.29 19.78 29.05
N ASP B 125 13.38 19.09 28.37
CA ASP B 125 12.03 18.90 28.88
C ASP B 125 11.33 17.84 28.02
N THR B 126 10.61 16.91 28.65
CA THR B 126 9.86 15.89 27.92
C THR B 126 8.72 16.48 27.09
N ASP B 127 8.33 17.71 27.38
CA ASP B 127 7.24 18.34 26.65
C ASP B 127 7.67 18.79 25.25
N LYS B 128 8.96 18.67 24.95
CA LYS B 128 9.47 19.16 23.67
C LYS B 128 9.60 18.09 22.58
N LEU B 129 9.08 16.89 22.85
CA LEU B 129 9.12 15.79 21.88
C LEU B 129 8.41 16.16 20.60
N THR B 130 7.45 17.08 20.70
CA THR B 130 6.66 17.50 19.54
C THR B 130 7.42 18.49 18.66
N ASN B 131 8.63 18.87 19.06
CA ASN B 131 9.47 19.73 18.24
C ASN B 131 10.46 18.94 17.37
N VAL B 132 10.53 17.64 17.56
CA VAL B 132 11.58 16.84 16.92
C VAL B 132 11.17 16.38 15.53
N ALA B 133 11.87 16.87 14.52
CA ALA B 133 11.62 16.43 13.14
C ALA B 133 12.01 14.97 12.96
N LEU B 134 11.10 14.20 12.37
CA LEU B 134 11.35 12.79 12.10
C LEU B 134 11.29 12.59 10.60
N GLY B 135 12.10 11.69 10.06
CA GLY B 135 12.12 11.48 8.62
C GLY B 135 13.40 10.80 8.19
N ARG B 136 13.48 10.45 6.91
CA ARG B 136 14.62 9.67 6.43
C ARG B 136 15.94 10.44 6.55
N GLN B 137 15.94 11.71 6.14
CA GLN B 137 17.20 12.48 6.15
C GLN B 137 17.63 12.76 7.59
N GLN B 138 16.66 12.94 8.49
CA GLN B 138 16.99 13.13 9.90
C GLN B 138 17.68 11.89 10.45
N LEU B 139 17.17 10.72 10.07
CA LEU B 139 17.77 9.46 10.46
C LEU B 139 19.19 9.33 9.88
N ALA B 140 19.34 9.61 8.59
CA ALA B 140 20.67 9.49 7.97
C ALA B 140 21.65 10.47 8.62
N ASP B 141 21.21 11.70 8.85
CA ASP B 141 22.05 12.72 9.46
C ASP B 141 22.46 12.35 10.88
N ALA B 142 21.54 11.76 11.63
CA ALA B 142 21.83 11.32 13.00
C ALA B 142 22.89 10.22 13.01
N VAL B 143 22.74 9.25 12.11
CA VAL B 143 23.72 8.19 11.98
C VAL B 143 25.10 8.77 11.66
N THR B 144 25.15 9.67 10.68
CA THR B 144 26.39 10.34 10.29
C THR B 144 27.07 11.06 11.47
N ALA B 145 26.29 11.85 12.20
CA ALA B 145 26.81 12.60 13.34
C ALA B 145 27.40 11.70 14.43
N LEU B 146 26.69 10.64 14.80
CA LEU B 146 27.20 9.79 15.88
C LEU B 146 28.29 8.83 15.40
N HIS B 147 28.17 8.34 14.18
CA HIS B 147 29.15 7.41 13.66
C HIS B 147 30.49 8.11 13.44
N GLY B 148 30.44 9.39 13.09
CA GLY B 148 31.63 10.15 12.78
C GLY B 148 32.34 10.71 14.01
N ARG B 149 31.70 10.58 15.17
CA ARG B 149 32.27 11.13 16.41
C ARG B 149 33.61 10.48 16.75
N THR B 150 34.62 11.30 17.04
CA THR B 150 35.93 10.76 17.37
C THR B 150 36.43 11.22 18.73
N LYS B 151 37.06 10.31 19.46
CA LYS B 151 37.68 10.60 20.75
C LYS B 151 38.73 11.67 20.58
N ALA B 152 39.43 11.63 19.45
CA ALA B 152 40.43 12.64 19.11
C ALA B 152 39.80 13.84 18.42
N ASP B 153 38.81 14.46 19.08
CA ASP B 153 38.17 15.64 18.50
C ASP B 153 38.18 16.87 19.42
N LYS B 154 37.09 17.15 20.12
CA LYS B 154 37.05 18.36 20.93
C LYS B 154 36.73 18.14 22.45
N PRO B 155 35.45 18.02 22.87
CA PRO B 155 34.15 18.30 22.24
C PRO B 155 33.89 19.79 22.33
N SER B 156 33.32 20.35 21.27
CA SER B 156 32.85 21.71 21.30
C SER B 156 31.42 21.63 21.81
N GLY B 157 30.92 22.74 22.35
CA GLY B 157 29.50 22.88 22.60
C GLY B 157 28.63 22.44 21.43
N PRO B 158 28.87 23.01 20.23
CA PRO B 158 28.08 22.64 19.04
C PRO B 158 28.05 21.14 18.71
N LYS B 159 29.19 20.46 18.80
CA LYS B 159 29.24 19.02 18.55
C LYS B 159 28.38 18.26 19.55
N GLN B 160 28.41 18.71 20.81
CA GLN B 160 27.64 18.07 21.87
C GLN B 160 26.15 18.29 21.65
N GLN B 161 25.78 19.48 21.20
CA GLN B 161 24.39 19.77 20.87
C GLN B 161 23.93 18.92 19.68
N GLN B 162 24.78 18.83 18.66
CA GLN B 162 24.51 18.01 17.49
C GLN B 162 24.30 16.55 17.90
N ALA B 163 25.16 16.06 18.79
CA ALA B 163 25.07 14.70 19.31
C ALA B 163 23.75 14.47 20.06
N ARG B 164 23.33 15.45 20.84
CA ARG B 164 22.06 15.36 21.56
C ARG B 164 20.91 15.18 20.61
N GLU B 165 20.92 15.98 19.55
CA GLU B 165 19.84 15.98 18.58
C GLU B 165 19.85 14.65 17.84
N ALA B 166 21.04 14.14 17.53
CA ALA B 166 21.17 12.86 16.85
C ALA B 166 20.63 11.72 17.72
N VAL B 167 21.02 11.71 18.99
CA VAL B 167 20.52 10.68 19.89
C VAL B 167 18.99 10.74 20.01
N THR B 168 18.44 11.94 20.11
CA THR B 168 16.99 12.12 20.21
C THR B 168 16.28 11.54 18.97
N THR B 169 16.84 11.81 17.80
CA THR B 169 16.27 11.30 16.55
C THR B 169 16.23 9.77 16.56
N LEU B 170 17.33 9.16 17.00
CA LEU B 170 17.40 7.70 17.03
C LEU B 170 16.46 7.15 18.09
N LEU B 171 16.35 7.81 19.23
CA LEU B 171 15.43 7.34 20.27
C LEU B 171 14.00 7.27 19.77
N LEU B 172 13.56 8.28 19.03
CA LEU B 172 12.19 8.28 18.54
C LEU B 172 12.03 7.26 17.41
N MSE B 173 13.00 7.20 16.51
CA MSE B 173 12.81 6.38 15.32
C MSE B 173 13.15 4.91 15.52
O MSE B 173 12.77 4.06 14.71
CB MSE B 173 13.60 6.99 14.16
CG MSE B 173 13.10 8.37 13.82
SE MSE B 173 13.90 9.15 12.22
CE MSE B 173 13.19 7.96 10.85
N VAL B 174 13.87 4.61 16.59
CA VAL B 174 14.19 3.20 16.92
C VAL B 174 13.47 2.73 18.18
N ASN B 175 13.84 3.32 19.32
CA ASN B 175 13.34 2.85 20.61
C ASN B 175 11.84 3.11 20.82
N GLU B 176 11.38 4.33 20.55
CA GLU B 176 9.96 4.64 20.76
C GLU B 176 9.10 3.96 19.71
N ALA B 177 9.63 3.86 18.50
CA ALA B 177 8.98 3.12 17.43
C ALA B 177 8.80 1.64 17.81
N THR B 178 9.82 1.06 18.44
CA THR B 178 9.69 -0.31 18.96
C THR B 178 8.56 -0.39 20.00
N ARG B 179 8.53 0.59 20.91
CA ARG B 179 7.55 0.58 21.99
C ARG B 179 6.12 0.84 21.53
N PHE B 180 5.95 1.64 20.49
CA PHE B 180 4.63 2.10 20.09
C PHE B 180 4.32 1.89 18.62
N GLN B 181 3.21 1.22 18.35
CA GLN B 181 2.74 1.07 16.98
C GLN B 181 2.32 2.42 16.38
N THR B 182 1.90 3.34 17.22
CA THR B 182 1.57 4.69 16.76
C THR B 182 2.82 5.35 16.18
N VAL B 183 3.89 5.31 16.95
CA VAL B 183 5.14 5.93 16.55
C VAL B 183 5.77 5.21 15.34
N SER B 184 5.82 3.88 15.38
CA SER B 184 6.41 3.13 14.27
C SER B 184 5.61 3.36 13.00
N GLY B 185 4.29 3.43 13.13
CA GLY B 185 3.42 3.65 11.99
C GLY B 185 3.62 5.04 11.41
N PHE B 186 3.77 6.03 12.28
CA PHE B 186 3.95 7.42 11.86
C PHE B 186 5.31 7.59 11.17
N VAL B 187 6.34 6.96 11.72
CA VAL B 187 7.65 7.02 11.09
C VAL B 187 7.65 6.29 9.75
N ALA B 188 7.05 5.10 9.74
CA ALA B 188 6.91 4.33 8.51
C ALA B 188 6.22 5.15 7.41
N GLY B 189 5.23 5.95 7.79
CA GLY B 189 4.49 6.73 6.81
C GLY B 189 5.27 7.90 6.26
N LEU B 190 6.38 8.24 6.91
CA LEU B 190 7.26 9.32 6.44
C LEU B 190 8.33 8.81 5.47
N LEU B 191 8.46 7.50 5.37
CA LEU B 191 9.51 6.89 4.55
C LEU B 191 8.93 6.52 3.18
N HIS B 192 9.55 7.05 2.13
CA HIS B 192 9.03 6.88 0.78
C HIS B 192 10.14 6.50 -0.19
N PRO B 193 9.79 6.01 -1.40
CA PRO B 193 10.84 5.70 -2.37
C PRO B 193 11.53 6.96 -2.89
N LYS B 194 12.64 6.80 -3.61
CA LYS B 194 13.43 7.94 -4.07
C LYS B 194 12.71 8.85 -5.07
N ALA B 195 11.69 8.32 -5.74
CA ALA B 195 10.90 9.09 -6.70
C ALA B 195 9.96 10.08 -6.01
N VAL B 196 9.83 9.93 -4.69
CA VAL B 196 8.97 10.80 -3.88
C VAL B 196 9.85 11.85 -3.20
N ALA B 197 9.33 13.06 -3.05
CA ALA B 197 10.09 14.16 -2.44
C ALA B 197 10.53 13.78 -1.04
N ALA B 198 11.64 14.36 -0.61
CA ALA B 198 12.11 14.18 0.77
C ALA B 198 11.00 14.66 1.70
N ALA B 199 10.79 13.91 2.79
CA ALA B 199 9.64 14.13 3.68
C ALA B 199 10.08 14.12 5.15
N SER B 200 9.39 14.91 5.97
CA SER B 200 9.55 14.84 7.42
C SER B 200 8.27 15.29 8.08
N GLY B 201 8.15 15.04 9.39
CA GLY B 201 6.95 15.40 10.11
C GLY B 201 7.26 15.32 11.60
N LYS B 202 6.33 15.78 12.43
CA LYS B 202 6.55 15.77 13.88
C LYS B 202 5.35 15.13 14.55
N ILE B 203 5.56 14.45 15.67
CA ILE B 203 4.46 13.78 16.34
C ILE B 203 3.52 14.78 17.00
N GLY B 204 2.28 14.37 17.24
CA GLY B 204 1.32 15.23 17.92
C GLY B 204 1.29 14.94 19.41
N ASN B 205 0.35 15.56 20.12
CA ASN B 205 0.35 15.48 21.58
C ASN B 205 0.00 14.11 22.14
N GLU B 206 -0.82 13.35 21.40
CA GLU B 206 -1.18 11.99 21.81
C GLU B 206 0.05 11.08 21.85
N MSE B 207 0.82 11.07 20.76
CA MSE B 207 2.05 10.29 20.75
C MSE B 207 3.08 10.79 21.75
O MSE B 207 3.83 9.99 22.34
CB MSE B 207 2.64 10.22 19.34
CG MSE B 207 1.92 9.22 18.46
SE MSE B 207 2.78 9.16 16.69
CE MSE B 207 2.16 10.82 16.06
N LYS B 208 3.14 12.10 21.99
CA LYS B 208 4.03 12.64 23.02
C LYS B 208 3.65 12.08 24.39
N ALA B 209 2.35 12.05 24.66
CA ALA B 209 1.84 11.54 25.94
C ALA B 209 2.09 10.04 26.08
N GLN B 210 1.93 9.30 24.98
CA GLN B 210 2.23 7.88 24.97
C GLN B 210 3.69 7.63 25.29
N VAL B 211 4.59 8.33 24.59
CA VAL B 211 6.02 8.17 24.81
C VAL B 211 6.40 8.50 26.25
N ASN B 212 5.81 9.56 26.79
CA ASN B 212 6.07 9.96 28.18
C ASN B 212 5.37 9.10 29.24
N GLY B 213 4.55 8.14 28.82
CA GLY B 213 3.85 7.28 29.77
C GLY B 213 3.77 5.81 29.36
N TRP B 214 4.87 5.28 28.84
CA TRP B 214 4.93 3.88 28.42
C TRP B 214 4.54 2.94 29.55
N GLN B 215 5.12 3.18 30.73
CA GLN B 215 4.83 2.34 31.89
C GLN B 215 3.36 2.43 32.29
N ASP B 216 2.83 3.66 32.29
CA ASP B 216 1.43 3.89 32.62
C ASP B 216 0.49 3.14 31.69
N LEU B 217 0.76 3.20 30.38
CA LEU B 217 -0.08 2.54 29.40
C LEU B 217 0.05 1.03 29.46
N SER B 218 1.28 0.56 29.70
CA SER B 218 1.50 -0.87 29.82
C SER B 218 0.75 -1.38 31.05
N ALA B 219 0.92 -0.67 32.17
CA ALA B 219 0.22 -1.02 33.40
C ALA B 219 -1.28 -1.03 33.19
N ALA B 220 -1.80 0.01 32.52
CA ALA B 220 -3.23 0.12 32.28
C ALA B 220 -3.80 -1.08 31.53
N LEU B 221 -3.05 -1.61 30.56
CA LEU B 221 -3.55 -2.74 29.79
C LEU B 221 -3.41 -4.06 30.56
N LEU B 222 -2.30 -4.20 31.27
CA LEU B 222 -2.04 -5.41 32.05
C LEU B 222 -3.14 -5.64 33.10
N LYS B 223 -3.70 -4.56 33.61
CA LYS B 223 -4.73 -4.66 34.65
C LYS B 223 -6.02 -5.29 34.15
N THR B 224 -6.31 -5.12 32.86
CA THR B 224 -7.49 -5.72 32.25
C THR B 224 -7.35 -7.24 32.07
N ASP B 225 -6.14 -7.74 32.28
CA ASP B 225 -5.89 -9.18 32.14
C ASP B 225 -6.09 -9.90 33.47
N VAL B 226 -6.10 -9.14 34.56
CA VAL B 226 -6.21 -9.73 35.90
C VAL B 226 -7.57 -10.38 36.09
N LYS B 227 -7.59 -11.68 36.37
CA LYS B 227 -8.84 -12.40 36.57
C LYS B 227 -9.53 -11.91 37.84
N PRO B 228 -10.85 -11.63 37.74
CA PRO B 228 -11.64 -11.08 38.84
C PRO B 228 -12.04 -12.15 39.87
N PRO B 229 -12.54 -11.72 41.04
CA PRO B 229 -13.23 -12.62 41.96
C PRO B 229 -14.30 -13.43 41.20
N PRO B 230 -14.58 -14.67 41.64
CA PRO B 230 -15.45 -15.58 40.89
C PRO B 230 -16.87 -15.04 40.75
N GLY B 231 -17.55 -15.40 39.65
CA GLY B 231 -18.86 -14.87 39.36
C GLY B 231 -18.87 -13.35 39.39
N LYS B 232 -17.91 -12.74 38.69
CA LYS B 232 -17.81 -11.29 38.68
C LYS B 232 -17.27 -10.70 37.38
N SER B 233 -17.09 -9.38 37.40
CA SER B 233 -16.87 -8.58 36.21
C SER B 233 -15.41 -8.25 35.97
N PRO B 234 -14.91 -8.51 34.75
CA PRO B 234 -13.53 -8.23 34.36
C PRO B 234 -13.17 -6.77 34.61
N ALA B 235 -11.93 -6.50 34.96
CA ALA B 235 -11.47 -5.13 35.11
C ALA B 235 -11.70 -4.38 33.80
N LYS B 236 -12.09 -3.12 33.93
CA LYS B 236 -12.44 -2.30 32.77
C LYS B 236 -11.30 -1.34 32.51
N PHE B 237 -10.92 -1.16 31.24
CA PHE B 237 -9.82 -0.25 30.93
C PHE B 237 -10.14 1.17 31.37
N ALA B 238 -9.24 1.78 32.12
CA ALA B 238 -9.39 3.18 32.51
C ALA B 238 -8.77 4.06 31.43
N PRO B 239 -9.60 4.89 30.76
CA PRO B 239 -9.15 5.79 29.69
C PRO B 239 -7.99 6.69 30.12
N ILE B 240 -7.02 6.87 29.23
CA ILE B 240 -6.00 7.89 29.40
C ILE B 240 -6.22 8.87 28.25
N GLU B 241 -7.07 9.87 28.47
CA GLU B 241 -7.51 10.77 27.39
C GLU B 241 -6.35 11.49 26.69
N LYS B 242 -5.33 11.82 27.46
CA LYS B 242 -4.20 12.58 26.93
C LYS B 242 -3.46 11.81 25.83
N MSE B 243 -3.48 10.48 25.91
CA MSE B 243 -2.86 9.65 24.89
C MSE B 243 -3.81 9.34 23.75
O MSE B 243 -3.45 8.65 22.80
CB MSE B 243 -2.39 8.32 25.50
CG MSE B 243 -1.25 8.44 26.45
SE MSE B 243 -0.88 6.67 27.23
CE MSE B 243 0.33 7.32 28.63
N GLY B 244 -5.05 9.81 23.87
CA GLY B 244 -6.08 9.44 22.92
C GLY B 244 -6.49 7.98 23.02
N VAL B 245 -6.25 7.37 24.18
CA VAL B 245 -6.56 5.94 24.36
C VAL B 245 -7.71 5.78 25.36
N ARG B 246 -8.89 5.39 24.86
CA ARG B 246 -10.06 5.28 25.73
C ARG B 246 -10.44 3.84 26.04
N THR B 247 -10.03 2.91 25.19
CA THR B 247 -10.41 1.50 25.34
C THR B 247 -9.18 0.60 25.36
N ALA B 248 -9.36 -0.64 25.83
CA ALA B 248 -8.28 -1.62 25.82
C ALA B 248 -7.84 -1.95 24.39
N VAL B 249 -8.80 -1.95 23.46
CA VAL B 249 -8.51 -2.24 22.05
C VAL B 249 -7.58 -1.16 21.50
N GLN B 250 -7.90 0.09 21.82
CA GLN B 250 -7.06 1.22 21.41
C GLN B 250 -5.68 1.11 22.05
N ALA B 251 -5.65 0.67 23.30
CA ALA B 251 -4.39 0.49 24.00
C ALA B 251 -3.52 -0.58 23.31
N ALA B 252 -4.13 -1.70 22.95
CA ALA B 252 -3.40 -2.78 22.32
C ALA B 252 -2.90 -2.34 20.95
N ASN B 253 -3.71 -1.55 20.25
CA ASN B 253 -3.32 -1.03 18.94
C ASN B 253 -2.22 0.03 19.01
N THR B 254 -2.06 0.61 20.19
CA THR B 254 -1.05 1.65 20.43
C THR B 254 0.28 1.03 20.87
N LEU B 255 0.21 -0.02 21.68
CA LEU B 255 1.43 -0.61 22.23
C LEU B 255 2.12 -1.55 21.24
N GLY B 256 3.37 -1.25 20.92
CA GLY B 256 4.21 -2.14 20.13
C GLY B 256 4.71 -3.29 21.00
N ILE B 257 5.17 -2.94 22.20
CA ILE B 257 5.56 -3.96 23.18
C ILE B 257 5.41 -3.33 24.56
N LEU B 258 4.85 -4.09 25.51
CA LEU B 258 4.62 -3.57 26.85
C LEU B 258 5.88 -3.65 27.72
N LEU B 259 6.10 -2.65 28.55
CA LEU B 259 7.09 -2.77 29.62
C LEU B 259 6.47 -3.68 30.67
N PHE B 260 7.22 -4.61 31.24
CA PHE B 260 6.63 -5.40 32.30
C PHE B 260 6.30 -4.52 33.51
N VAL B 261 5.08 -4.66 34.03
CA VAL B 261 4.72 -3.97 35.27
C VAL B 261 4.03 -4.94 36.22
N GLU B 262 4.46 -4.93 37.49
CA GLU B 262 3.74 -5.65 38.52
C GLU B 262 2.43 -4.92 38.85
N VAL B 263 1.32 -5.52 38.46
CA VAL B 263 0.01 -4.96 38.79
C VAL B 263 -0.69 -5.90 39.78
N PRO B 264 -1.55 -5.34 40.64
CA PRO B 264 -2.25 -6.15 41.66
C PRO B 264 -3.02 -7.32 41.06
N GLY B 265 -2.67 -8.56 41.46
CA GLY B 265 -3.34 -9.73 40.94
C GLY B 265 -2.75 -10.25 39.65
N GLY B 266 -1.77 -9.54 39.12
CA GLY B 266 -1.07 -9.97 37.92
C GLY B 266 0.21 -10.72 38.28
N LEU B 267 1.02 -11.01 37.27
CA LEU B 267 2.27 -11.73 37.46
C LEU B 267 3.26 -10.90 38.28
N THR B 268 4.01 -11.54 39.17
CA THR B 268 5.13 -10.89 39.84
C THR B 268 6.35 -10.95 38.95
N VAL B 269 7.35 -10.15 39.27
CA VAL B 269 8.65 -10.20 38.61
C VAL B 269 9.18 -11.63 38.59
N ALA B 270 9.16 -12.30 39.73
CA ALA B 270 9.73 -13.64 39.80
C ALA B 270 8.97 -14.63 38.92
N LYS B 271 7.64 -14.59 39.00
CA LYS B 271 6.82 -15.56 38.31
C LYS B 271 6.88 -15.36 36.78
N ALA B 272 6.91 -14.10 36.35
CA ALA B 272 7.04 -13.84 34.92
C ALA B 272 8.41 -14.26 34.39
N LEU B 273 9.45 -14.14 35.22
CA LEU B 273 10.78 -14.59 34.82
C LEU B 273 10.89 -16.11 34.81
N GLU B 274 10.19 -16.79 35.72
CA GLU B 274 10.09 -18.24 35.66
C GLU B 274 9.45 -18.69 34.36
N LEU B 275 8.34 -18.06 33.98
CA LEU B 275 7.65 -18.43 32.73
C LEU B 275 8.54 -18.11 31.53
N PHE B 276 9.24 -16.99 31.61
CA PHE B 276 10.20 -16.58 30.57
C PHE B 276 11.23 -17.69 30.34
N HIS B 277 11.86 -18.16 31.42
CA HIS B 277 12.90 -19.17 31.26
C HIS B 277 12.40 -20.51 30.75
N ALA B 278 11.28 -20.97 31.31
CA ALA B 278 10.69 -22.26 30.94
C ALA B 278 10.29 -22.30 29.48
N SER B 279 9.98 -21.13 28.91
CA SER B 279 9.56 -21.07 27.51
C SER B 279 10.74 -20.75 26.58
N GLY B 280 11.96 -20.88 27.09
CA GLY B 280 13.16 -20.75 26.28
C GLY B 280 13.74 -19.35 26.23
N GLY B 281 13.18 -18.46 27.01
CA GLY B 281 13.66 -17.09 27.06
C GLY B 281 15.07 -16.94 27.59
N LYS B 282 15.85 -16.10 26.92
CA LYS B 282 17.21 -15.75 27.35
C LYS B 282 17.40 -14.24 27.46
N ALA C 4 -8.48 -45.44 9.75
CA ALA C 4 -7.66 -44.39 10.34
C ALA C 4 -8.04 -44.13 11.81
N LYS C 5 -7.02 -44.00 12.65
CA LYS C 5 -7.19 -43.68 14.07
C LYS C 5 -8.05 -42.43 14.27
N MSE C 6 -9.10 -42.54 15.08
CA MSE C 6 -10.05 -41.44 15.24
C MSE C 6 -9.45 -40.20 15.89
O MSE C 6 -8.77 -40.30 16.91
CB MSE C 6 -11.27 -41.87 16.07
CG MSE C 6 -12.38 -42.52 15.28
SE MSE C 6 -14.12 -42.17 16.13
CE MSE C 6 -13.56 -42.11 18.01
N ALA C 7 -9.74 -39.04 15.31
CA ALA C 7 -9.26 -37.78 15.87
C ALA C 7 -10.03 -37.44 17.15
N LYS C 8 -9.46 -36.56 17.95
CA LYS C 8 -10.09 -36.10 19.19
C LYS C 8 -10.20 -34.58 19.18
N ASN C 9 -11.22 -34.06 19.83
CA ASN C 9 -11.38 -32.62 20.05
C ASN C 9 -11.66 -31.84 18.76
N VAL C 10 -12.17 -32.52 17.74
CA VAL C 10 -12.56 -31.83 16.53
C VAL C 10 -13.68 -30.84 16.84
N ASP C 11 -14.48 -31.16 17.85
CA ASP C 11 -15.60 -30.34 18.26
C ASP C 11 -15.23 -29.37 19.39
N LYS C 12 -13.94 -29.29 19.69
CA LYS C 12 -13.43 -28.31 20.64
C LYS C 12 -12.37 -27.47 19.97
N PRO C 13 -12.79 -26.55 19.08
CA PRO C 13 -11.80 -25.78 18.34
C PRO C 13 -11.01 -24.86 19.27
N LEU C 14 -9.69 -24.80 19.05
CA LEU C 14 -8.82 -23.98 19.88
C LEU C 14 -9.11 -22.51 19.66
N PHE C 15 -9.60 -22.20 18.47
CA PHE C 15 -10.07 -20.88 18.10
C PHE C 15 -10.96 -21.01 16.88
N THR C 16 -11.76 -19.97 16.61
CA THR C 16 -12.55 -19.94 15.38
C THR C 16 -12.24 -18.65 14.62
N ALA C 17 -11.88 -18.79 13.34
CA ALA C 17 -11.63 -17.62 12.48
C ALA C 17 -12.77 -17.48 11.49
N THR C 18 -13.27 -16.25 11.33
CA THR C 18 -14.47 -16.03 10.53
C THR C 18 -14.21 -14.99 9.43
N PHE C 19 -14.69 -15.28 8.23
CA PHE C 19 -14.61 -14.34 7.11
C PHE C 19 -15.92 -14.26 6.36
N ASN C 20 -16.35 -13.04 6.05
CA ASN C 20 -17.50 -12.79 5.19
C ASN C 20 -16.99 -12.78 3.75
N VAL C 21 -17.48 -13.68 2.91
CA VAL C 21 -16.90 -13.84 1.57
C VAL C 21 -17.08 -12.60 0.72
N GLN C 22 -17.95 -11.70 1.15
CA GLN C 22 -18.18 -10.47 0.41
C GLN C 22 -17.33 -9.31 0.94
N ALA C 23 -16.51 -9.59 1.95
CA ALA C 23 -15.75 -8.55 2.65
C ALA C 23 -14.55 -8.04 1.85
N SER C 24 -13.94 -6.96 2.30
CA SER C 24 -12.84 -6.32 1.56
C SER C 24 -11.56 -7.15 1.56
N SER C 25 -10.69 -6.83 0.60
CA SER C 25 -9.38 -7.46 0.52
C SER C 25 -8.58 -7.23 1.80
N ALA C 26 -8.74 -6.06 2.40
CA ALA C 26 -8.06 -5.77 3.65
C ALA C 26 -8.59 -6.70 4.75
N ASP C 27 -9.90 -6.90 4.79
CA ASP C 27 -10.47 -7.81 5.79
C ASP C 27 -10.03 -9.26 5.57
N TYR C 28 -9.84 -9.64 4.32
CA TYR C 28 -9.34 -11.00 4.03
C TYR C 28 -7.92 -11.12 4.56
N ALA C 29 -7.10 -10.11 4.30
CA ALA C 29 -5.71 -10.15 4.79
C ALA C 29 -5.68 -10.25 6.32
N THR C 30 -6.56 -9.49 6.98
CA THR C 30 -6.65 -9.53 8.44
C THR C 30 -7.05 -10.93 8.93
N PHE C 31 -8.03 -11.53 8.26
CA PHE C 31 -8.51 -12.87 8.55
C PHE C 31 -7.37 -13.89 8.49
N ILE C 32 -6.62 -13.86 7.39
CA ILE C 32 -5.50 -14.80 7.20
C ILE C 32 -4.40 -14.58 8.25
N ALA C 33 -4.06 -13.31 8.50
CA ALA C 33 -3.04 -12.99 9.49
C ALA C 33 -3.43 -13.49 10.88
N GLY C 34 -4.74 -13.46 11.17
CA GLY C 34 -5.22 -13.87 12.48
C GLY C 34 -5.14 -15.36 12.69
N ILE C 35 -5.33 -16.12 11.62
CA ILE C 35 -5.22 -17.57 11.69
C ILE C 35 -3.77 -17.94 12.00
N ARG C 36 -2.83 -17.32 11.27
CA ARG C 36 -1.39 -17.56 11.51
C ARG C 36 -1.03 -17.21 12.95
N ASN C 37 -1.53 -16.08 13.43
CA ASN C 37 -1.22 -15.62 14.77
C ASN C 37 -1.71 -16.59 15.86
N LYS C 38 -2.93 -17.09 15.70
CA LYS C 38 -3.49 -18.00 16.68
C LYS C 38 -2.89 -19.40 16.61
N LEU C 39 -2.36 -19.78 15.45
CA LEU C 39 -1.73 -21.10 15.25
C LEU C 39 -0.31 -21.17 15.79
N ARG C 40 0.30 -20.01 16.01
CA ARG C 40 1.75 -19.98 16.23
C ARG C 40 2.18 -20.63 17.53
N ASN C 41 3.40 -21.17 17.53
CA ASN C 41 4.07 -21.52 18.77
C ASN C 41 4.75 -20.25 19.25
N PRO C 42 4.25 -19.66 20.35
CA PRO C 42 4.75 -18.36 20.82
C PRO C 42 6.22 -18.40 21.16
N ALA C 43 6.72 -19.61 21.46
CA ALA C 43 8.12 -19.79 21.83
C ALA C 43 9.06 -20.07 20.65
N HIS C 44 8.53 -20.15 19.43
CA HIS C 44 9.35 -20.52 18.26
C HIS C 44 8.96 -19.75 17.02
N PHE C 45 9.75 -18.72 16.68
CA PHE C 45 9.61 -18.02 15.40
C PHE C 45 10.88 -18.22 14.58
N SER C 46 10.79 -18.02 13.27
CA SER C 46 11.99 -18.06 12.41
C SER C 46 11.93 -16.86 11.47
N HIS C 47 12.92 -15.97 11.58
CA HIS C 47 12.96 -14.76 10.75
C HIS C 47 11.67 -13.97 10.87
N ASN C 48 11.16 -13.89 12.10
CA ASN C 48 9.90 -13.21 12.43
C ASN C 48 8.64 -13.82 11.81
N ARG C 49 8.75 -15.02 11.26
CA ARG C 49 7.57 -15.75 10.81
C ARG C 49 7.23 -16.80 11.86
N PRO C 50 5.93 -16.98 12.14
CA PRO C 50 5.55 -17.98 13.13
C PRO C 50 5.84 -19.42 12.65
N VAL C 51 6.06 -20.31 13.60
CA VAL C 51 6.23 -21.73 13.33
C VAL C 51 5.13 -22.43 14.10
N LEU C 52 4.46 -23.36 13.44
CA LEU C 52 3.51 -24.22 14.13
C LEU C 52 4.21 -25.04 15.20
N PRO C 53 3.48 -25.39 16.28
CA PRO C 53 4.05 -26.37 17.21
C PRO C 53 4.18 -27.71 16.48
N PRO C 54 5.05 -28.60 16.99
CA PRO C 54 5.16 -29.92 16.35
C PRO C 54 3.87 -30.68 16.51
N VAL C 55 3.69 -31.70 15.67
CA VAL C 55 2.62 -32.67 15.84
C VAL C 55 2.88 -33.47 17.11
N GLU C 56 1.85 -33.60 17.94
CA GLU C 56 1.98 -34.35 19.20
C GLU C 56 2.25 -35.81 18.88
N PRO C 57 3.30 -36.39 19.47
CA PRO C 57 3.59 -37.82 19.30
C PRO C 57 2.62 -38.74 20.07
N ASN C 58 2.42 -39.95 19.56
CA ASN C 58 1.69 -41.02 20.26
C ASN C 58 0.20 -40.81 20.50
N VAL C 59 -0.36 -39.75 19.92
CA VAL C 59 -1.79 -39.52 20.02
C VAL C 59 -2.34 -39.23 18.63
N PRO C 60 -3.62 -39.57 18.41
CA PRO C 60 -4.23 -39.21 17.13
C PRO C 60 -4.35 -37.70 17.07
N PRO C 61 -4.70 -37.14 15.90
CA PRO C 61 -4.79 -35.67 15.81
C PRO C 61 -5.78 -35.10 16.83
N SER C 62 -5.28 -34.30 17.77
CA SER C 62 -6.10 -33.87 18.90
C SER C 62 -6.23 -32.36 19.04
N ARG C 63 -5.65 -31.62 18.10
CA ARG C 63 -5.63 -30.17 18.16
C ARG C 63 -6.22 -29.62 16.87
N TRP C 64 -7.33 -28.88 16.98
CA TRP C 64 -8.12 -28.45 15.84
C TRP C 64 -8.52 -26.98 15.98
N PHE C 65 -8.75 -26.32 14.84
CA PHE C 65 -9.43 -25.01 14.84
C PHE C 65 -10.53 -25.01 13.82
N HIS C 66 -11.46 -24.06 13.96
CA HIS C 66 -12.50 -23.91 12.95
C HIS C 66 -12.36 -22.61 12.16
N VAL C 67 -12.75 -22.67 10.88
CA VAL C 67 -12.90 -21.47 10.06
C VAL C 67 -14.35 -21.40 9.66
N VAL C 68 -14.96 -20.23 9.84
CA VAL C 68 -16.35 -20.06 9.45
C VAL C 68 -16.38 -19.11 8.27
N LEU C 69 -16.98 -19.54 7.17
CA LEU C 69 -17.06 -18.71 5.97
C LEU C 69 -18.51 -18.34 5.70
N LYS C 70 -18.79 -17.04 5.70
CA LYS C 70 -20.17 -16.57 5.57
C LYS C 70 -20.46 -15.93 4.22
N ALA C 71 -21.59 -16.28 3.63
CA ALA C 71 -22.04 -15.71 2.37
C ALA C 71 -22.32 -14.20 2.46
N SER C 72 -22.70 -13.74 3.64
CA SER C 72 -22.99 -12.33 3.91
C SER C 72 -22.81 -12.13 5.41
N PRO C 73 -22.80 -10.87 5.87
CA PRO C 73 -22.69 -10.66 7.32
C PRO C 73 -23.83 -11.30 8.11
N THR C 74 -24.99 -11.45 7.48
CA THR C 74 -26.18 -11.98 8.17
C THR C 74 -26.41 -13.47 7.89
N SER C 75 -25.48 -14.09 7.18
CA SER C 75 -25.65 -15.48 6.78
C SER C 75 -24.95 -16.42 7.74
N ALA C 76 -25.64 -17.50 8.13
CA ALA C 76 -24.99 -18.59 8.84
C ALA C 76 -23.89 -19.12 7.91
N GLY C 77 -22.73 -19.41 8.46
CA GLY C 77 -21.59 -19.77 7.64
C GLY C 77 -21.28 -21.25 7.56
N LEU C 78 -20.53 -21.63 6.53
CA LEU C 78 -19.93 -22.95 6.41
C LEU C 78 -18.81 -23.03 7.44
N THR C 79 -18.72 -24.14 8.18
CA THR C 79 -17.64 -24.30 9.15
C THR C 79 -16.65 -25.32 8.61
N LEU C 80 -15.36 -24.97 8.68
CA LEU C 80 -14.31 -25.91 8.29
C LEU C 80 -13.61 -26.41 9.54
N ALA C 81 -13.35 -27.72 9.59
CA ALA C 81 -12.53 -28.33 10.65
C ALA C 81 -11.12 -28.54 10.12
N ILE C 82 -10.14 -27.85 10.73
CA ILE C 82 -8.77 -27.86 10.20
C ILE C 82 -7.80 -28.20 11.33
N ARG C 83 -6.82 -29.05 11.08
CA ARG C 83 -5.84 -29.38 12.12
C ARG C 83 -4.96 -28.19 12.47
N ALA C 84 -4.71 -28.01 13.77
CA ALA C 84 -3.93 -26.88 14.25
C ALA C 84 -2.44 -27.19 14.31
N ASP C 85 -2.04 -28.37 13.84
CA ASP C 85 -0.62 -28.74 13.85
C ASP C 85 -0.01 -28.69 12.45
N ASN C 86 -0.83 -28.96 11.43
CA ASN C 86 -0.35 -28.94 10.06
C ASN C 86 -1.31 -28.29 9.07
N ILE C 87 -2.37 -27.67 9.58
CA ILE C 87 -3.35 -26.94 8.76
C ILE C 87 -3.99 -27.81 7.64
N TYR C 88 -4.12 -29.10 7.90
CA TYR C 88 -4.87 -29.95 6.98
C TYR C 88 -6.37 -29.75 7.17
N LEU C 89 -7.07 -29.53 6.06
CA LEU C 89 -8.53 -29.49 6.07
C LEU C 89 -9.05 -30.92 6.11
N GLU C 90 -9.84 -31.24 7.13
CA GLU C 90 -10.38 -32.59 7.25
C GLU C 90 -11.92 -32.67 7.26
N GLY C 91 -12.59 -31.55 7.47
CA GLY C 91 -14.03 -31.63 7.60
C GLY C 91 -14.76 -30.34 7.38
N PHE C 92 -16.05 -30.42 7.08
CA PHE C 92 -16.87 -29.22 7.04
C PHE C 92 -18.29 -29.53 7.51
N LYS C 93 -18.96 -28.50 8.03
CA LYS C 93 -20.30 -28.64 8.59
C LYS C 93 -21.31 -27.90 7.73
N SER C 94 -22.30 -28.62 7.20
CA SER C 94 -23.31 -28.04 6.33
C SER C 94 -24.43 -27.38 7.14
N SER C 95 -25.35 -26.70 6.46
CA SER C 95 -26.37 -25.91 7.16
C SER C 95 -27.32 -26.76 8.00
N ASP C 96 -27.50 -28.03 7.63
CA ASP C 96 -28.38 -28.91 8.40
C ASP C 96 -27.69 -29.49 9.62
N GLY C 97 -26.45 -29.08 9.85
CA GLY C 97 -25.70 -29.50 11.02
C GLY C 97 -24.77 -30.67 10.77
N THR C 98 -24.89 -31.32 9.62
CA THR C 98 -24.09 -32.50 9.33
C THR C 98 -22.60 -32.19 9.21
N TRP C 99 -21.78 -32.97 9.90
CA TRP C 99 -20.34 -32.88 9.71
C TRP C 99 -19.91 -33.88 8.65
N TRP C 100 -19.12 -33.39 7.69
CA TRP C 100 -18.64 -34.19 6.59
C TRP C 100 -17.13 -34.31 6.75
N GLU C 101 -16.58 -35.49 6.44
CA GLU C 101 -15.14 -35.69 6.61
C GLU C 101 -14.48 -36.04 5.28
N LEU C 102 -13.22 -35.64 5.15
CA LEU C 102 -12.44 -35.88 3.93
C LEU C 102 -11.54 -37.10 4.08
N THR C 103 -11.47 -37.63 5.30
CA THR C 103 -10.77 -38.87 5.60
C THR C 103 -11.75 -39.78 6.34
N PRO C 104 -11.98 -40.98 5.79
CA PRO C 104 -13.01 -41.85 6.36
C PRO C 104 -12.65 -42.23 7.80
N GLY C 105 -13.62 -42.12 8.70
CA GLY C 105 -13.43 -42.51 10.08
C GLY C 105 -12.59 -41.58 10.93
N LEU C 106 -12.13 -40.47 10.37
CA LEU C 106 -11.23 -39.59 11.10
C LEU C 106 -11.94 -38.73 12.13
N ILE C 107 -13.06 -38.13 11.74
CA ILE C 107 -13.80 -37.25 12.62
C ILE C 107 -14.99 -37.98 13.22
N PRO C 108 -15.03 -38.10 14.55
CA PRO C 108 -16.12 -38.81 15.24
C PRO C 108 -17.48 -38.31 14.80
N GLY C 109 -18.31 -39.23 14.29
CA GLY C 109 -19.68 -38.90 13.92
C GLY C 109 -19.87 -38.37 12.51
N ALA C 110 -18.77 -38.00 11.85
CA ALA C 110 -18.86 -37.35 10.54
C ALA C 110 -19.15 -38.33 9.41
N THR C 111 -19.78 -37.82 8.37
CA THR C 111 -20.10 -38.61 7.18
C THR C 111 -19.03 -38.37 6.12
N TYR C 112 -18.34 -39.42 5.68
CA TYR C 112 -17.37 -39.32 4.59
C TYR C 112 -18.01 -38.69 3.34
N VAL C 113 -17.32 -37.70 2.77
CA VAL C 113 -17.88 -36.92 1.68
C VAL C 113 -17.83 -37.64 0.34
N GLY C 114 -17.12 -38.77 0.29
CA GLY C 114 -17.07 -39.57 -0.93
C GLY C 114 -15.81 -39.43 -1.76
N PHE C 115 -14.89 -38.58 -1.31
CA PHE C 115 -13.63 -38.33 -2.01
C PHE C 115 -12.62 -37.77 -1.01
N GLY C 116 -11.34 -37.81 -1.35
CA GLY C 116 -10.31 -37.35 -0.44
C GLY C 116 -9.98 -35.87 -0.51
N GLY C 117 -9.17 -35.41 0.43
CA GLY C 117 -8.84 -33.99 0.52
C GLY C 117 -7.45 -33.57 0.10
N THR C 118 -6.69 -34.48 -0.54
CA THR C 118 -5.39 -34.08 -1.10
C THR C 118 -5.57 -33.63 -2.55
N TYR C 119 -4.60 -32.87 -3.06
CA TYR C 119 -4.71 -32.40 -4.45
C TYR C 119 -4.69 -33.56 -5.42
N ARG C 120 -4.02 -34.64 -5.04
CA ARG C 120 -4.03 -35.82 -5.88
C ARG C 120 -5.44 -36.40 -5.98
N ASP C 121 -6.14 -36.45 -4.84
CA ASP C 121 -7.52 -36.92 -4.82
C ASP C 121 -8.43 -35.99 -5.63
N LEU C 122 -8.23 -34.69 -5.45
CA LEU C 122 -9.12 -33.67 -6.02
C LEU C 122 -8.83 -33.37 -7.49
N LEU C 123 -7.55 -33.27 -7.85
CA LEU C 123 -7.18 -32.84 -9.20
C LEU C 123 -6.58 -33.94 -10.06
N GLY C 124 -6.10 -35.01 -9.41
CA GLY C 124 -5.44 -36.09 -10.12
C GLY C 124 -3.94 -36.02 -9.99
N ASP C 125 -3.43 -34.79 -9.81
CA ASP C 125 -2.00 -34.52 -9.87
C ASP C 125 -1.76 -33.17 -9.21
N THR C 126 -0.73 -33.07 -8.38
CA THR C 126 -0.38 -31.80 -7.75
C THR C 126 0.13 -30.80 -8.77
N ASP C 127 0.44 -31.27 -9.98
CA ASP C 127 0.94 -30.34 -10.99
C ASP C 127 -0.18 -29.52 -11.61
N LYS C 128 -1.42 -29.84 -11.28
CA LYS C 128 -2.57 -29.16 -11.88
C LYS C 128 -3.07 -27.94 -11.09
N LEU C 129 -2.36 -27.58 -10.01
CA LEU C 129 -2.75 -26.43 -9.21
C LEU C 129 -2.83 -25.14 -10.02
N THR C 130 -2.03 -25.07 -11.09
CA THR C 130 -2.00 -23.89 -11.95
C THR C 130 -3.25 -23.80 -12.84
N ASN C 131 -4.14 -24.78 -12.74
CA ASN C 131 -5.40 -24.72 -13.48
C ASN C 131 -6.57 -24.23 -12.65
N VAL C 132 -6.35 -24.06 -11.35
CA VAL C 132 -7.46 -23.73 -10.45
C VAL C 132 -7.78 -22.23 -10.45
N ALA C 133 -8.98 -21.88 -10.91
CA ALA C 133 -9.42 -20.47 -10.89
C ALA C 133 -9.66 -20.02 -9.45
N LEU C 134 -9.04 -18.89 -9.08
CA LEU C 134 -9.21 -18.33 -7.74
C LEU C 134 -9.91 -16.99 -7.85
N GLY C 135 -10.73 -16.65 -6.87
CA GLY C 135 -11.45 -15.39 -6.92
C GLY C 135 -12.66 -15.34 -6.03
N ARG C 136 -13.28 -14.17 -5.90
CA ARG C 136 -14.39 -14.03 -4.97
C ARG C 136 -15.60 -14.91 -5.31
N GLN C 137 -15.94 -15.03 -6.59
CA GLN C 137 -17.12 -15.82 -6.93
C GLN C 137 -16.86 -17.30 -6.69
N GLN C 138 -15.63 -17.73 -6.95
CA GLN C 138 -15.22 -19.10 -6.67
C GLN C 138 -15.36 -19.41 -5.19
N LEU C 139 -14.94 -18.46 -4.35
CA LEU C 139 -15.12 -18.61 -2.90
C LEU C 139 -16.58 -18.68 -2.51
N ALA C 140 -17.40 -17.80 -3.08
CA ALA C 140 -18.82 -17.79 -2.78
C ALA C 140 -19.48 -19.11 -3.18
N ASP C 141 -19.16 -19.57 -4.38
CA ASP C 141 -19.77 -20.78 -4.93
C ASP C 141 -19.34 -22.02 -4.13
N ALA C 142 -18.10 -22.03 -3.67
CA ALA C 142 -17.63 -23.13 -2.84
C ALA C 142 -18.41 -23.19 -1.53
N VAL C 143 -18.62 -22.03 -0.92
CA VAL C 143 -19.38 -21.96 0.34
C VAL C 143 -20.82 -22.42 0.10
N THR C 144 -21.41 -21.97 -1.00
CA THR C 144 -22.77 -22.36 -1.35
C THR C 144 -22.88 -23.87 -1.52
N ALA C 145 -21.97 -24.44 -2.32
CA ALA C 145 -21.97 -25.87 -2.60
C ALA C 145 -21.85 -26.74 -1.35
N LEU C 146 -20.84 -26.47 -0.54
CA LEU C 146 -20.62 -27.31 0.65
C LEU C 146 -21.62 -27.05 1.78
N HIS C 147 -22.01 -25.80 1.98
CA HIS C 147 -22.92 -25.46 3.08
C HIS C 147 -24.31 -26.04 2.81
N GLY C 148 -24.67 -26.15 1.54
CA GLY C 148 -25.99 -26.62 1.15
C GLY C 148 -26.11 -28.12 1.01
N ARG C 149 -25.02 -28.84 1.25
CA ARG C 149 -24.98 -30.29 1.07
C ARG C 149 -25.85 -31.00 2.11
N THR C 150 -26.59 -32.03 1.68
CA THR C 150 -27.39 -32.85 2.58
C THR C 150 -27.15 -34.34 2.35
N LYS C 151 -27.42 -35.17 3.35
CA LYS C 151 -27.23 -36.61 3.25
C LYS C 151 -28.11 -37.24 2.18
N ALA C 152 -29.29 -36.66 1.98
CA ALA C 152 -30.26 -37.20 1.04
C ALA C 152 -29.97 -36.75 -0.38
N ASP C 153 -28.98 -35.89 -0.55
CA ASP C 153 -28.54 -35.50 -1.88
C ASP C 153 -28.21 -36.78 -2.65
N LYS C 154 -28.70 -36.87 -3.88
CA LYS C 154 -28.34 -37.97 -4.76
C LYS C 154 -26.93 -37.68 -5.22
N PRO C 155 -25.92 -38.36 -4.64
CA PRO C 155 -24.57 -38.01 -5.08
C PRO C 155 -24.43 -38.41 -6.54
N SER C 156 -24.49 -37.39 -7.39
CA SER C 156 -24.37 -37.57 -8.83
C SER C 156 -22.97 -37.21 -9.19
N GLY C 157 -22.61 -37.45 -10.45
CA GLY C 157 -21.36 -36.97 -10.99
C GLY C 157 -21.18 -35.47 -10.83
N PRO C 158 -22.13 -34.68 -11.35
CA PRO C 158 -22.05 -33.21 -11.20
C PRO C 158 -21.96 -32.74 -9.75
N LYS C 159 -22.77 -33.32 -8.86
CA LYS C 159 -22.74 -32.97 -7.44
C LYS C 159 -21.35 -33.19 -6.84
N GLN C 160 -20.79 -34.38 -7.06
CA GLN C 160 -19.48 -34.70 -6.50
C GLN C 160 -18.36 -33.86 -7.12
N GLN C 161 -18.44 -33.60 -8.43
CA GLN C 161 -17.43 -32.77 -9.08
C GLN C 161 -17.50 -31.34 -8.54
N GLN C 162 -18.72 -30.85 -8.34
CA GLN C 162 -18.93 -29.53 -7.72
C GLN C 162 -18.29 -29.48 -6.34
N ALA C 163 -18.53 -30.54 -5.55
CA ALA C 163 -17.98 -30.60 -4.20
C ALA C 163 -16.46 -30.63 -4.22
N ARG C 164 -15.87 -31.46 -5.09
CA ARG C 164 -14.41 -31.53 -5.20
C ARG C 164 -13.82 -30.17 -5.60
N GLU C 165 -14.49 -29.48 -6.52
CA GLU C 165 -14.02 -28.17 -6.95
C GLU C 165 -14.14 -27.17 -5.81
N ALA C 166 -15.22 -27.27 -5.05
CA ALA C 166 -15.43 -26.38 -3.89
C ALA C 166 -14.33 -26.59 -2.86
N VAL C 167 -14.02 -27.84 -2.55
CA VAL C 167 -12.96 -28.12 -1.58
C VAL C 167 -11.62 -27.58 -2.09
N THR C 168 -11.35 -27.76 -3.37
CA THR C 168 -10.07 -27.30 -3.94
C THR C 168 -9.93 -25.79 -3.80
N THR C 169 -11.00 -25.08 -4.13
CA THR C 169 -11.06 -23.64 -3.96
C THR C 169 -10.75 -23.24 -2.52
N LEU C 170 -11.36 -23.91 -1.55
CA LEU C 170 -11.15 -23.54 -0.16
C LEU C 170 -9.73 -23.85 0.32
N LEU C 171 -9.18 -24.99 -0.11
CA LEU C 171 -7.79 -25.30 0.24
C LEU C 171 -6.83 -24.21 -0.19
N LEU C 172 -7.00 -23.72 -1.42
CA LEU C 172 -6.11 -22.66 -1.90
C LEU C 172 -6.39 -21.34 -1.19
N MSE C 173 -7.65 -20.96 -1.07
CA MSE C 173 -7.96 -19.61 -0.56
C MSE C 173 -7.95 -19.50 0.98
O MSE C 173 -7.91 -18.39 1.53
CB MSE C 173 -9.27 -19.11 -1.16
CG MSE C 173 -9.20 -19.03 -2.68
SE MSE C 173 -10.86 -18.39 -3.51
CE MSE C 173 -10.76 -16.54 -2.89
N VAL C 174 -8.00 -20.64 1.66
CA VAL C 174 -7.90 -20.64 3.11
C VAL C 174 -6.58 -21.26 3.57
N ASN C 175 -6.40 -22.56 3.31
CA ASN C 175 -5.25 -23.27 3.86
C ASN C 175 -3.91 -22.85 3.27
N GLU C 176 -3.82 -22.79 1.94
CA GLU C 176 -2.55 -22.40 1.32
C GLU C 176 -2.27 -20.92 1.56
N ALA C 177 -3.32 -20.11 1.60
CA ALA C 177 -3.18 -18.68 1.93
C ALA C 177 -2.63 -18.47 3.33
N THR C 178 -3.10 -19.28 4.28
CA THR C 178 -2.54 -19.26 5.62
C THR C 178 -1.04 -19.61 5.59
N ARG C 179 -0.70 -20.67 4.86
CA ARG C 179 0.69 -21.15 4.78
C ARG C 179 1.66 -20.18 4.10
N PHE C 180 1.19 -19.48 3.06
CA PHE C 180 2.09 -18.70 2.21
C PHE C 180 1.64 -17.26 2.06
N GLN C 181 2.55 -16.32 2.29
CA GLN C 181 2.27 -14.92 2.05
C GLN C 181 2.14 -14.62 0.56
N THR C 182 2.79 -15.43 -0.26
CA THR C 182 2.66 -15.30 -1.71
C THR C 182 1.22 -15.59 -2.11
N VAL C 183 0.69 -16.73 -1.66
CA VAL C 183 -0.66 -17.12 -2.00
C VAL C 183 -1.70 -16.15 -1.40
N SER C 184 -1.54 -15.78 -0.14
CA SER C 184 -2.54 -14.91 0.48
C SER C 184 -2.54 -13.53 -0.19
N GLY C 185 -1.37 -13.07 -0.60
CA GLY C 185 -1.29 -11.78 -1.26
C GLY C 185 -1.90 -11.82 -2.66
N PHE C 186 -1.70 -12.93 -3.35
CA PHE C 186 -2.25 -13.12 -4.68
C PHE C 186 -3.78 -13.16 -4.59
N VAL C 187 -4.30 -13.91 -3.63
CA VAL C 187 -5.74 -14.01 -3.43
C VAL C 187 -6.34 -12.66 -3.02
N ALA C 188 -5.69 -11.95 -2.10
CA ALA C 188 -6.18 -10.65 -1.66
C ALA C 188 -6.24 -9.71 -2.86
N GLY C 189 -5.26 -9.87 -3.75
CA GLY C 189 -5.17 -9.02 -4.93
C GLY C 189 -6.32 -9.22 -5.90
N LEU C 190 -7.01 -10.35 -5.78
CA LEU C 190 -8.15 -10.65 -6.66
C LEU C 190 -9.46 -10.14 -6.08
N LEU C 191 -9.44 -9.74 -4.81
CA LEU C 191 -10.65 -9.29 -4.13
C LEU C 191 -10.83 -7.77 -4.25
N HIS C 192 -11.95 -7.36 -4.83
CA HIS C 192 -12.19 -5.95 -5.14
C HIS C 192 -13.58 -5.53 -4.69
N PRO C 193 -13.85 -4.21 -4.61
CA PRO C 193 -15.20 -3.76 -4.25
C PRO C 193 -16.23 -4.13 -5.32
N LYS C 194 -17.51 -4.02 -4.98
CA LYS C 194 -18.59 -4.37 -5.91
C LYS C 194 -18.62 -3.49 -7.15
N ALA C 195 -18.08 -2.28 -7.05
CA ALA C 195 -18.04 -1.35 -8.19
C ALA C 195 -16.98 -1.74 -9.23
N VAL C 196 -16.20 -2.77 -8.89
CA VAL C 196 -15.15 -3.28 -9.77
C VAL C 196 -15.66 -4.56 -10.42
N ALA C 197 -15.28 -4.81 -11.68
CA ALA C 197 -15.71 -6.03 -12.37
C ALA C 197 -15.32 -7.29 -11.61
N ALA C 198 -16.13 -8.34 -11.74
CA ALA C 198 -15.77 -9.65 -11.19
C ALA C 198 -14.41 -10.05 -11.75
N ALA C 199 -13.57 -10.63 -10.89
CA ALA C 199 -12.17 -10.92 -11.22
C ALA C 199 -11.79 -12.34 -10.80
N SER C 200 -10.81 -12.92 -11.50
CA SER C 200 -10.25 -14.22 -11.12
C SER C 200 -8.85 -14.32 -11.72
N GLY C 201 -8.04 -15.26 -11.23
CA GLY C 201 -6.72 -15.49 -11.80
C GLY C 201 -6.25 -16.85 -11.35
N LYS C 202 -5.11 -17.30 -11.87
CA LYS C 202 -4.52 -18.58 -11.44
C LYS C 202 -3.08 -18.35 -11.04
N ILE C 203 -2.59 -19.19 -10.13
CA ILE C 203 -1.23 -19.05 -9.64
C ILE C 203 -0.22 -19.47 -10.70
N GLY C 204 1.00 -18.98 -10.59
CA GLY C 204 2.08 -19.34 -11.50
C GLY C 204 2.85 -20.53 -10.93
N ASN C 205 3.90 -20.94 -11.63
CA ASN C 205 4.67 -22.12 -11.23
C ASN C 205 5.41 -21.99 -9.91
N GLU C 206 5.85 -20.77 -9.58
CA GLU C 206 6.52 -20.53 -8.30
C GLU C 206 5.59 -20.83 -7.13
N MSE C 207 4.39 -20.26 -7.16
CA MSE C 207 3.43 -20.56 -6.09
C MSE C 207 3.00 -22.02 -6.08
O MSE C 207 2.77 -22.59 -5.01
CB MSE C 207 2.23 -19.62 -6.15
CG MSE C 207 2.52 -18.33 -5.46
SE MSE C 207 1.00 -17.14 -5.65
CE MSE C 207 1.07 -16.90 -7.53
N LYS C 208 2.88 -22.64 -7.25
CA LYS C 208 2.57 -24.06 -7.32
C LYS C 208 3.67 -24.86 -6.61
N ALA C 209 4.92 -24.51 -6.88
CA ALA C 209 6.03 -25.26 -6.27
C ALA C 209 6.07 -25.02 -4.77
N GLN C 210 5.77 -23.79 -4.35
CA GLN C 210 5.70 -23.48 -2.92
C GLN C 210 4.65 -24.34 -2.22
N VAL C 211 3.43 -24.33 -2.73
CA VAL C 211 2.36 -25.16 -2.18
C VAL C 211 2.73 -26.65 -2.13
N ASN C 212 3.44 -27.12 -3.15
CA ASN C 212 3.87 -28.52 -3.20
C ASN C 212 5.10 -28.85 -2.38
N GLY C 213 5.70 -27.84 -1.74
CA GLY C 213 6.90 -28.04 -0.96
C GLY C 213 6.95 -27.25 0.33
N TRP C 214 5.80 -27.14 1.01
CA TRP C 214 5.72 -26.38 2.25
C TRP C 214 6.70 -26.90 3.30
N GLN C 215 6.77 -28.22 3.48
CA GLN C 215 7.73 -28.81 4.42
C GLN C 215 9.16 -28.50 3.99
N ASP C 216 9.46 -28.66 2.69
CA ASP C 216 10.80 -28.34 2.17
C ASP C 216 11.21 -26.89 2.44
N LEU C 217 10.29 -25.95 2.20
CA LEU C 217 10.60 -24.54 2.38
C LEU C 217 10.75 -24.23 3.86
N SER C 218 9.90 -24.83 4.69
CA SER C 218 9.97 -24.62 6.12
C SER C 218 11.31 -25.11 6.66
N ALA C 219 11.69 -26.30 6.26
CA ALA C 219 12.96 -26.90 6.69
C ALA C 219 14.13 -26.05 6.25
N ALA C 220 14.07 -25.55 5.01
CA ALA C 220 15.19 -24.80 4.44
C ALA C 220 15.46 -23.56 5.27
N LEU C 221 14.41 -22.88 5.73
CA LEU C 221 14.57 -21.68 6.55
C LEU C 221 15.00 -22.03 7.97
N LEU C 222 14.40 -23.08 8.54
CA LEU C 222 14.73 -23.51 9.91
C LEU C 222 16.21 -23.86 10.00
N LYS C 223 16.77 -24.45 8.94
CA LYS C 223 18.20 -24.77 8.94
C LYS C 223 19.10 -23.54 9.15
N THR C 224 18.66 -22.38 8.68
CA THR C 224 19.48 -21.17 8.81
C THR C 224 19.53 -20.62 10.24
N ASP C 225 18.67 -21.15 11.12
CA ASP C 225 18.62 -20.67 12.49
C ASP C 225 19.56 -21.46 13.40
N VAL C 226 20.04 -22.59 12.90
CA VAL C 226 20.82 -23.52 13.70
C VAL C 226 22.19 -22.95 14.06
N LYS C 227 22.51 -22.95 15.35
CA LYS C 227 23.80 -22.45 15.83
C LYS C 227 24.98 -23.19 15.19
N PRO C 228 25.85 -22.43 14.52
CA PRO C 228 27.01 -23.06 13.90
C PRO C 228 28.10 -23.36 14.93
N PRO C 229 28.93 -24.36 14.64
CA PRO C 229 30.22 -24.77 15.24
C PRO C 229 31.08 -23.62 15.79
N PRO C 230 32.11 -23.95 16.60
CA PRO C 230 33.06 -22.95 17.10
C PRO C 230 33.70 -22.17 15.96
N GLY C 231 33.51 -20.85 15.95
CA GLY C 231 34.06 -20.00 14.90
C GLY C 231 33.75 -20.48 13.49
N LYS C 232 32.45 -20.53 13.16
CA LYS C 232 32.01 -20.75 11.79
C LYS C 232 30.85 -19.79 11.50
N SER C 233 30.75 -19.35 10.25
CA SER C 233 29.70 -18.43 9.83
C SER C 233 28.36 -19.17 9.82
N PRO C 234 27.25 -18.43 10.00
CA PRO C 234 25.90 -19.03 10.01
C PRO C 234 25.62 -19.91 8.79
N ALA C 235 24.78 -20.94 8.97
CA ALA C 235 24.39 -21.81 7.87
C ALA C 235 23.77 -20.97 6.76
N LYS C 236 24.07 -21.30 5.50
CA LYS C 236 23.57 -20.53 4.38
C LYS C 236 22.29 -21.15 3.83
N PHE C 237 21.33 -20.30 3.47
CA PHE C 237 20.10 -20.81 2.89
C PHE C 237 20.41 -21.55 1.60
N ALA C 238 19.82 -22.73 1.46
CA ALA C 238 19.92 -23.49 0.22
C ALA C 238 18.77 -23.06 -0.69
N PRO C 239 19.11 -22.42 -1.83
CA PRO C 239 18.06 -21.88 -2.68
C PRO C 239 17.14 -22.94 -3.28
N ILE C 240 15.87 -22.56 -3.48
CA ILE C 240 14.90 -23.42 -4.16
C ILE C 240 14.39 -22.64 -5.36
N GLU C 241 15.12 -22.76 -6.47
CA GLU C 241 14.87 -21.97 -7.67
C GLU C 241 13.46 -22.13 -8.21
N LYS C 242 12.93 -23.35 -8.08
CA LYS C 242 11.62 -23.68 -8.60
C LYS C 242 10.53 -22.84 -7.94
N MSE C 243 10.76 -22.46 -6.70
CA MSE C 243 9.81 -21.64 -5.95
C MSE C 243 10.08 -20.16 -6.12
O MSE C 243 9.37 -19.34 -5.54
CB MSE C 243 9.88 -21.97 -4.46
CG MSE C 243 9.50 -23.39 -4.11
SE MSE C 243 9.62 -23.59 -2.19
CE MSE C 243 9.30 -25.50 -2.10
N GLY C 244 11.12 -19.81 -6.87
CA GLY C 244 11.51 -18.42 -6.98
C GLY C 244 12.14 -17.90 -5.70
N VAL C 245 12.57 -18.82 -4.83
CA VAL C 245 13.11 -18.43 -3.53
C VAL C 245 14.60 -18.75 -3.45
N ARG C 246 15.44 -17.72 -3.52
CA ARG C 246 16.89 -17.93 -3.53
C ARG C 246 17.57 -17.64 -2.21
N THR C 247 16.97 -16.75 -1.43
CA THR C 247 17.59 -16.31 -0.18
C THR C 247 16.70 -16.60 1.02
N ALA C 248 17.29 -16.52 2.21
CA ALA C 248 16.54 -16.68 3.44
C ALA C 248 15.49 -15.59 3.62
N VAL C 249 15.83 -14.36 3.25
CA VAL C 249 14.88 -13.25 3.31
C VAL C 249 13.68 -13.50 2.39
N GLN C 250 13.93 -13.98 1.17
CA GLN C 250 12.85 -14.36 0.28
C GLN C 250 11.98 -15.47 0.87
N ALA C 251 12.61 -16.42 1.56
CA ALA C 251 11.87 -17.52 2.17
C ALA C 251 10.95 -16.98 3.27
N ALA C 252 11.47 -16.06 4.08
CA ALA C 252 10.71 -15.45 5.17
C ALA C 252 9.52 -14.69 4.61
N ASN C 253 9.74 -13.95 3.53
CA ASN C 253 8.65 -13.21 2.91
C ASN C 253 7.62 -14.11 2.23
N THR C 254 8.02 -15.35 1.95
CA THR C 254 7.13 -16.30 1.29
C THR C 254 6.29 -17.08 2.30
N LEU C 255 6.92 -17.45 3.42
CA LEU C 255 6.24 -18.26 4.42
C LEU C 255 5.30 -17.45 5.30
N GLY C 256 4.01 -17.80 5.24
CA GLY C 256 3.03 -17.23 6.15
C GLY C 256 3.19 -17.84 7.54
N ILE C 257 3.25 -19.17 7.58
CA ILE C 257 3.57 -19.87 8.81
C ILE C 257 4.29 -21.15 8.46
N LEU C 258 5.33 -21.49 9.22
CA LEU C 258 6.15 -22.65 8.90
C LEU C 258 5.56 -23.91 9.51
N LEU C 259 5.65 -25.01 8.77
CA LEU C 259 5.41 -26.32 9.37
C LEU C 259 6.60 -26.63 10.26
N PHE C 260 6.38 -27.20 11.44
CA PHE C 260 7.52 -27.57 12.27
C PHE C 260 8.26 -28.73 11.61
N VAL C 261 9.58 -28.61 11.51
CA VAL C 261 10.38 -29.69 10.95
C VAL C 261 11.59 -29.89 11.84
N GLU C 262 11.89 -31.15 12.15
CA GLU C 262 13.12 -31.43 12.89
C GLU C 262 14.27 -31.32 11.91
N VAL C 263 15.15 -30.35 12.15
CA VAL C 263 16.35 -30.26 11.34
C VAL C 263 17.57 -30.56 12.22
N PRO C 264 18.65 -31.10 11.62
CA PRO C 264 19.83 -31.41 12.43
C PRO C 264 20.35 -30.20 13.20
N GLY C 265 20.45 -30.32 14.53
CA GLY C 265 20.88 -29.20 15.36
C GLY C 265 19.79 -28.24 15.73
N GLY C 266 18.59 -28.45 15.19
CA GLY C 266 17.45 -27.61 15.51
C GLY C 266 16.67 -28.16 16.70
N LEU C 267 15.55 -27.52 17.04
CA LEU C 267 14.68 -28.05 18.10
C LEU C 267 14.16 -29.43 17.71
N THR C 268 14.01 -30.31 18.70
CA THR C 268 13.39 -31.59 18.48
C THR C 268 11.88 -31.40 18.64
N VAL C 269 11.09 -32.36 18.16
CA VAL C 269 9.66 -32.41 18.47
C VAL C 269 9.42 -32.21 19.96
N ALA C 270 10.11 -32.98 20.79
CA ALA C 270 9.90 -32.91 22.24
C ALA C 270 10.18 -31.54 22.80
N LYS C 271 11.32 -30.96 22.42
CA LYS C 271 11.74 -29.69 23.00
C LYS C 271 10.84 -28.56 22.54
N ALA C 272 10.43 -28.58 21.26
CA ALA C 272 9.60 -27.48 20.78
C ALA C 272 8.22 -27.54 21.43
N LEU C 273 7.74 -28.73 21.73
CA LEU C 273 6.45 -28.88 22.39
C LEU C 273 6.57 -28.47 23.84
N GLU C 274 7.72 -28.77 24.44
CA GLU C 274 8.00 -28.33 25.82
C GLU C 274 7.93 -26.80 25.90
N LEU C 275 8.56 -26.12 24.95
CA LEU C 275 8.54 -24.66 24.93
C LEU C 275 7.12 -24.13 24.67
N PHE C 276 6.41 -24.77 23.75
CA PHE C 276 5.05 -24.38 23.42
C PHE C 276 4.16 -24.45 24.67
N HIS C 277 4.24 -25.58 25.38
CA HIS C 277 3.45 -25.75 26.60
C HIS C 277 3.83 -24.74 27.68
N ALA C 278 5.12 -24.47 27.82
CA ALA C 278 5.59 -23.55 28.84
C ALA C 278 5.10 -22.13 28.58
N SER C 279 4.94 -21.81 27.30
CA SER C 279 4.51 -20.48 26.91
C SER C 279 2.99 -20.32 27.07
N GLY C 280 2.33 -21.40 27.47
CA GLY C 280 0.89 -21.38 27.67
C GLY C 280 0.14 -21.93 26.48
N GLY C 281 0.88 -22.51 25.54
CA GLY C 281 0.29 -23.06 24.34
C GLY C 281 -0.59 -24.27 24.61
N LYS C 282 -1.72 -24.31 23.91
CA LYS C 282 -2.67 -25.41 24.03
C LYS C 282 -2.94 -25.93 22.64
N ALA D 4 -2.67 -0.75 -49.48
CA ALA D 4 -2.54 0.12 -48.31
C ALA D 4 -1.18 0.81 -48.26
N LYS D 5 -1.19 2.11 -47.96
CA LYS D 5 0.03 2.93 -48.00
C LYS D 5 0.81 2.88 -46.68
N MSE D 6 2.12 3.07 -46.76
CA MSE D 6 3.00 2.99 -45.59
C MSE D 6 2.65 4.02 -44.53
O MSE D 6 2.17 5.11 -44.85
CB MSE D 6 4.46 3.21 -45.99
CG MSE D 6 4.96 2.30 -47.10
SE MSE D 6 6.90 2.31 -47.12
CE MSE D 6 7.17 0.67 -46.09
N ALA D 7 2.95 3.68 -43.28
CA ALA D 7 2.71 4.57 -42.15
C ALA D 7 3.60 5.80 -42.23
N LYS D 8 3.15 6.89 -41.62
CA LYS D 8 3.94 8.12 -41.51
C LYS D 8 4.24 8.39 -40.06
N ASN D 9 5.41 8.98 -39.78
CA ASN D 9 5.77 9.41 -38.42
C ASN D 9 6.07 8.28 -37.44
N VAL D 10 6.41 7.09 -37.94
CA VAL D 10 6.76 5.99 -37.05
C VAL D 10 8.00 6.36 -36.24
N ASP D 11 8.93 7.06 -36.88
CA ASP D 11 10.14 7.52 -36.21
C ASP D 11 10.00 8.95 -35.67
N LYS D 12 8.77 9.47 -35.69
CA LYS D 12 8.48 10.76 -35.07
C LYS D 12 7.36 10.63 -34.06
N PRO D 13 7.60 9.90 -32.95
CA PRO D 13 6.53 9.62 -31.99
C PRO D 13 6.01 10.88 -31.30
N LEU D 14 4.73 10.91 -30.98
CA LEU D 14 4.12 12.02 -30.24
C LEU D 14 4.70 12.09 -28.82
N PHE D 15 5.05 10.92 -28.28
CA PHE D 15 5.72 10.82 -26.99
C PHE D 15 6.42 9.48 -26.87
N THR D 16 7.31 9.38 -25.88
CA THR D 16 7.97 8.13 -25.56
C THR D 16 7.74 7.87 -24.08
N ALA D 17 7.34 6.65 -23.76
CA ALA D 17 7.19 6.22 -22.37
C ALA D 17 8.22 5.14 -22.12
N THR D 18 8.90 5.22 -20.98
CA THR D 18 10.03 4.33 -20.71
C THR D 18 9.79 3.58 -19.40
N PHE D 19 10.07 2.29 -19.39
CA PHE D 19 9.99 1.48 -18.18
C PHE D 19 11.24 0.61 -18.04
N ASN D 20 11.82 0.64 -16.83
CA ASN D 20 12.89 -0.25 -16.44
C ASN D 20 12.28 -1.54 -15.89
N VAL D 21 12.58 -2.68 -16.52
CA VAL D 21 11.92 -3.95 -16.16
C VAL D 21 12.17 -4.37 -14.72
N GLN D 22 13.19 -3.80 -14.09
CA GLN D 22 13.45 -4.12 -12.69
C GLN D 22 12.77 -3.15 -11.70
N ALA D 23 11.99 -2.21 -12.22
CA ALA D 23 11.41 -1.17 -11.37
C ALA D 23 10.19 -1.64 -10.55
N SER D 24 9.77 -0.81 -9.61
CA SER D 24 8.72 -1.18 -8.66
C SER D 24 7.36 -1.28 -9.31
N SER D 25 6.45 -1.98 -8.64
CA SER D 25 5.04 -2.01 -9.04
C SER D 25 4.46 -0.60 -9.16
N ALA D 26 4.82 0.29 -8.24
CA ALA D 26 4.34 1.67 -8.28
C ALA D 26 4.81 2.34 -9.57
N ASP D 27 6.07 2.14 -9.92
CA ASP D 27 6.63 2.78 -11.13
C ASP D 27 5.97 2.23 -12.39
N TYR D 28 5.61 0.95 -12.37
CA TYR D 28 4.90 0.35 -13.50
C TYR D 28 3.54 1.00 -13.67
N ALA D 29 2.81 1.13 -12.57
CA ALA D 29 1.48 1.76 -12.60
C ALA D 29 1.59 3.19 -13.11
N THR D 30 2.62 3.90 -12.67
CA THR D 30 2.84 5.27 -13.14
C THR D 30 3.08 5.30 -14.64
N PHE D 31 3.89 4.37 -15.11
CA PHE D 31 4.24 4.22 -16.52
C PHE D 31 2.97 3.98 -17.34
N ILE D 32 2.15 3.03 -16.92
CA ILE D 32 0.92 2.74 -17.66
C ILE D 32 -0.04 3.93 -17.62
N ALA D 33 -0.22 4.54 -16.44
CA ALA D 33 -1.13 5.68 -16.32
C ALA D 33 -0.69 6.84 -17.21
N GLY D 34 0.62 7.07 -17.31
CA GLY D 34 1.12 8.17 -18.12
C GLY D 34 0.89 7.97 -19.60
N ILE D 35 0.91 6.72 -20.05
CA ILE D 35 0.62 6.42 -21.46
C ILE D 35 -0.81 6.78 -21.78
N ARG D 36 -1.73 6.27 -20.96
CA ARG D 36 -3.16 6.56 -21.14
C ARG D 36 -3.44 8.06 -21.25
N ASN D 37 -2.87 8.84 -20.34
CA ASN D 37 -3.12 10.26 -20.33
C ASN D 37 -2.65 10.93 -21.62
N LYS D 38 -1.49 10.54 -22.12
CA LYS D 38 -0.94 11.19 -23.31
C LYS D 38 -1.66 10.76 -24.58
N LEU D 39 -2.37 9.65 -24.50
CA LEU D 39 -3.16 9.15 -25.63
C LEU D 39 -4.55 9.75 -25.72
N ARG D 40 -4.98 10.45 -24.68
CA ARG D 40 -6.38 10.86 -24.57
C ARG D 40 -6.80 11.87 -25.64
N ASN D 41 -8.08 11.81 -26.01
CA ASN D 41 -8.71 12.94 -26.69
C ASN D 41 -9.19 13.87 -25.58
N PRO D 42 -8.53 15.03 -25.40
CA PRO D 42 -8.84 15.89 -24.24
C PRO D 42 -10.31 16.26 -24.14
N ALA D 43 -10.99 16.28 -25.30
CA ALA D 43 -12.39 16.67 -25.36
C ALA D 43 -13.38 15.51 -25.28
N HIS D 44 -12.89 14.29 -25.13
CA HIS D 44 -13.78 13.13 -25.09
C HIS D 44 -13.41 12.14 -24.00
N PHE D 45 -14.09 12.26 -22.87
CA PHE D 45 -13.97 11.31 -21.76
C PHE D 45 -15.31 10.62 -21.56
N SER D 46 -15.28 9.40 -21.04
CA SER D 46 -16.51 8.69 -20.71
C SER D 46 -16.40 8.12 -19.30
N HIS D 47 -17.33 8.52 -18.42
CA HIS D 47 -17.31 8.08 -17.02
C HIS D 47 -15.93 8.28 -16.40
N ASN D 48 -15.35 9.46 -16.67
CA ASN D 48 -14.01 9.84 -16.23
C ASN D 48 -12.87 8.97 -16.73
N ARG D 49 -13.10 8.18 -17.77
CA ARG D 49 -12.03 7.45 -18.43
C ARG D 49 -11.72 8.12 -19.77
N PRO D 50 -10.43 8.14 -20.16
CA PRO D 50 -10.11 8.74 -21.45
C PRO D 50 -10.59 7.90 -22.63
N VAL D 51 -10.91 8.57 -23.74
CA VAL D 51 -11.24 7.88 -24.98
C VAL D 51 -10.20 8.30 -25.97
N LEU D 52 -9.66 7.33 -26.72
CA LEU D 52 -8.76 7.64 -27.83
C LEU D 52 -9.46 8.54 -28.84
N PRO D 53 -8.70 9.41 -29.52
CA PRO D 53 -9.31 10.04 -30.69
C PRO D 53 -9.61 8.97 -31.74
N PRO D 54 -10.51 9.28 -32.68
CA PRO D 54 -10.75 8.34 -33.79
C PRO D 54 -9.51 8.13 -34.63
N VAL D 55 -9.50 7.02 -35.37
CA VAL D 55 -8.51 6.82 -36.42
C VAL D 55 -8.78 7.85 -37.52
N GLU D 56 -7.73 8.53 -37.97
CA GLU D 56 -7.91 9.53 -39.03
C GLU D 56 -8.33 8.86 -40.34
N PRO D 57 -9.43 9.32 -40.95
CA PRO D 57 -9.88 8.69 -42.19
C PRO D 57 -9.03 9.11 -43.39
N ASN D 58 -8.92 8.21 -44.36
CA ASN D 58 -8.33 8.54 -45.67
C ASN D 58 -6.85 8.90 -45.69
N VAL D 59 -6.11 8.52 -44.65
CA VAL D 59 -4.64 8.63 -44.63
C VAL D 59 -4.10 7.38 -43.94
N PRO D 60 -2.83 7.02 -44.22
CA PRO D 60 -2.23 5.87 -43.54
C PRO D 60 -1.99 6.23 -42.09
N PRO D 61 -1.77 5.22 -41.22
CA PRO D 61 -1.55 5.54 -39.81
C PRO D 61 -0.38 6.49 -39.64
N SER D 62 -0.68 7.67 -39.11
CA SER D 62 0.31 8.74 -39.03
C SER D 62 0.50 9.25 -37.61
N ARG D 63 -0.11 8.59 -36.64
CA ARG D 63 0.03 8.98 -35.24
C ARG D 63 0.60 7.81 -34.43
N TRP D 64 1.78 8.01 -33.87
CA TRP D 64 2.51 6.94 -33.18
C TRP D 64 3.06 7.39 -31.85
N PHE D 65 3.26 6.45 -30.94
CA PHE D 65 4.12 6.67 -29.77
C PHE D 65 5.11 5.54 -29.60
N HIS D 66 6.13 5.80 -28.80
CA HIS D 66 7.11 4.77 -28.52
C HIS D 66 7.06 4.35 -27.05
N VAL D 67 7.29 3.06 -26.82
CA VAL D 67 7.57 2.55 -25.50
C VAL D 67 8.99 2.01 -25.52
N VAL D 68 9.79 2.43 -24.55
CA VAL D 68 11.14 1.89 -24.43
C VAL D 68 11.19 1.03 -23.17
N LEU D 69 11.61 -0.22 -23.33
CA LEU D 69 11.75 -1.13 -22.19
C LEU D 69 13.23 -1.43 -21.97
N LYS D 70 13.70 -1.16 -20.76
CA LYS D 70 15.12 -1.32 -20.44
C LYS D 70 15.36 -2.43 -19.42
N ALA D 71 16.40 -3.23 -19.64
CA ALA D 71 16.79 -4.28 -18.68
C ALA D 71 17.27 -3.68 -17.36
N SER D 72 17.78 -2.46 -17.41
CA SER D 72 18.28 -1.76 -16.23
C SER D 72 18.27 -0.26 -16.50
N PRO D 73 18.43 0.56 -15.45
CA PRO D 73 18.50 2.02 -15.64
C PRO D 73 19.52 2.48 -16.69
N THR D 74 20.62 1.74 -16.85
CA THR D 74 21.70 2.16 -17.74
C THR D 74 21.85 1.31 -19.01
N SER D 75 20.94 0.36 -19.21
CA SER D 75 21.03 -0.51 -20.38
C SER D 75 20.40 0.14 -21.60
N ALA D 76 20.81 -0.29 -22.79
CA ALA D 76 20.17 0.19 -24.02
C ALA D 76 18.80 -0.48 -24.10
N GLY D 77 17.77 0.30 -24.42
CA GLY D 77 16.41 -0.22 -24.38
C GLY D 77 15.89 -0.78 -25.67
N LEU D 78 14.82 -1.55 -25.56
CA LEU D 78 14.08 -2.06 -26.71
C LEU D 78 12.98 -1.05 -26.98
N THR D 79 12.88 -0.57 -28.22
CA THR D 79 11.83 0.41 -28.55
C THR D 79 10.67 -0.29 -29.21
N LEU D 80 9.46 0.02 -28.77
CA LEU D 80 8.26 -0.48 -29.44
C LEU D 80 7.57 0.66 -30.17
N ALA D 81 7.18 0.42 -31.42
CA ALA D 81 6.37 1.38 -32.17
C ALA D 81 4.90 0.99 -32.09
N ILE D 82 4.12 1.87 -31.47
CA ILE D 82 2.71 1.59 -31.19
C ILE D 82 1.83 2.70 -31.77
N ARG D 83 0.75 2.31 -32.46
CA ARG D 83 -0.20 3.29 -32.99
C ARG D 83 -0.87 4.05 -31.86
N ALA D 84 -1.00 5.37 -32.01
CA ALA D 84 -1.59 6.21 -30.96
C ALA D 84 -3.09 6.31 -31.10
N ASP D 85 -3.67 5.68 -32.12
CA ASP D 85 -5.10 5.71 -32.32
C ASP D 85 -5.82 4.45 -31.84
N ASN D 86 -5.13 3.30 -31.92
CA ASN D 86 -5.75 2.05 -31.46
C ASN D 86 -4.82 1.17 -30.62
N ILE D 87 -3.65 1.69 -30.29
CA ILE D 87 -2.68 1.02 -29.44
C ILE D 87 -2.20 -0.35 -29.99
N TYR D 88 -2.26 -0.54 -31.30
CA TYR D 88 -1.72 -1.78 -31.87
C TYR D 88 -0.21 -1.71 -31.86
N LEU D 89 0.44 -2.79 -31.45
CA LEU D 89 1.90 -2.90 -31.59
C LEU D 89 2.27 -3.24 -33.04
N GLU D 90 3.09 -2.40 -33.68
CA GLU D 90 3.44 -2.66 -35.07
C GLU D 90 4.91 -2.85 -35.32
N GLY D 91 5.75 -2.45 -34.37
CA GLY D 91 7.18 -2.55 -34.62
C GLY D 91 7.96 -2.65 -33.34
N PHE D 92 9.13 -3.29 -33.41
CA PHE D 92 10.10 -3.21 -32.32
C PHE D 92 11.49 -3.04 -32.91
N LYS D 93 12.36 -2.33 -32.20
CA LYS D 93 13.70 -2.03 -32.73
C LYS D 93 14.75 -2.81 -31.94
N SER D 94 15.46 -3.69 -32.62
CA SER D 94 16.47 -4.53 -31.96
C SER D 94 17.80 -3.78 -31.83
N SER D 95 18.75 -4.37 -31.12
CA SER D 95 19.98 -3.65 -30.74
C SER D 95 20.84 -3.26 -31.93
N ASP D 96 20.66 -3.96 -33.05
CA ASP D 96 21.40 -3.69 -34.28
C ASP D 96 20.79 -2.53 -35.08
N GLY D 97 19.70 -1.97 -34.54
CA GLY D 97 19.04 -0.84 -35.18
C GLY D 97 17.93 -1.21 -36.15
N THR D 98 17.71 -2.50 -36.36
CA THR D 98 16.66 -2.96 -37.29
C THR D 98 15.27 -2.73 -36.70
N TRP D 99 14.39 -2.05 -37.45
CA TRP D 99 12.97 -2.07 -37.10
C TRP D 99 12.34 -3.35 -37.66
N TRP D 100 11.80 -4.16 -36.76
CA TRP D 100 11.05 -5.35 -37.12
C TRP D 100 9.56 -5.01 -37.11
N GLU D 101 8.88 -5.22 -38.22
CA GLU D 101 7.47 -4.86 -38.30
C GLU D 101 6.54 -6.08 -38.21
N LEU D 102 5.34 -5.87 -37.67
CA LEU D 102 4.34 -6.94 -37.51
C LEU D 102 3.26 -6.91 -38.60
N THR D 103 3.37 -5.95 -39.52
CA THR D 103 2.52 -5.86 -40.71
C THR D 103 3.46 -5.61 -41.89
N PRO D 104 3.48 -6.51 -42.88
CA PRO D 104 4.41 -6.33 -44.00
C PRO D 104 4.17 -5.02 -44.74
N GLY D 105 5.23 -4.23 -44.92
CA GLY D 105 5.16 -3.02 -45.71
C GLY D 105 4.57 -1.80 -45.03
N LEU D 106 4.39 -1.88 -43.72
CA LEU D 106 3.77 -0.77 -42.99
C LEU D 106 4.81 0.27 -42.56
N ILE D 107 5.92 -0.19 -41.99
CA ILE D 107 6.95 0.71 -41.49
C ILE D 107 8.08 0.91 -42.51
N PRO D 108 8.31 2.18 -42.92
CA PRO D 108 9.37 2.47 -43.90
C PRO D 108 10.71 1.89 -43.46
N GLY D 109 11.33 1.11 -44.36
CA GLY D 109 12.65 0.55 -44.12
C GLY D 109 12.71 -0.66 -43.20
N ALA D 110 11.56 -1.06 -42.66
CA ALA D 110 11.51 -2.16 -41.70
C ALA D 110 11.68 -3.52 -42.35
N THR D 111 11.97 -4.52 -41.52
CA THR D 111 12.02 -5.92 -41.93
C THR D 111 10.86 -6.68 -41.28
N TYR D 112 10.11 -7.42 -42.09
CA TYR D 112 8.96 -8.16 -41.55
C TYR D 112 9.39 -9.28 -40.60
N VAL D 113 8.78 -9.33 -39.42
CA VAL D 113 9.22 -10.28 -38.39
C VAL D 113 8.79 -11.72 -38.69
N GLY D 114 7.77 -11.87 -39.55
CA GLY D 114 7.34 -13.20 -39.95
C GLY D 114 6.02 -13.64 -39.33
N PHE D 115 5.35 -12.70 -38.66
CA PHE D 115 4.03 -12.93 -38.04
C PHE D 115 3.40 -11.61 -37.62
N GLY D 116 2.11 -11.62 -37.32
CA GLY D 116 1.42 -10.41 -36.93
C GLY D 116 1.27 -10.22 -35.44
N GLY D 117 0.73 -9.07 -35.04
CA GLY D 117 0.58 -8.76 -33.63
C GLY D 117 -0.81 -9.08 -33.10
N THR D 118 -1.41 -10.16 -33.61
CA THR D 118 -2.73 -10.64 -33.18
C THR D 118 -2.54 -11.96 -32.46
N TYR D 119 -3.44 -12.32 -31.55
CA TYR D 119 -3.24 -13.54 -30.78
C TYR D 119 -3.44 -14.80 -31.61
N ARG D 120 -4.20 -14.69 -32.70
CA ARG D 120 -4.30 -15.83 -33.61
C ARG D 120 -2.92 -16.23 -34.13
N ASP D 121 -2.16 -15.24 -34.60
CA ASP D 121 -0.81 -15.51 -35.07
C ASP D 121 0.12 -15.95 -33.93
N LEU D 122 0.03 -15.24 -32.80
CA LEU D 122 1.00 -15.43 -31.72
C LEU D 122 0.78 -16.70 -30.91
N LEU D 123 -0.49 -17.08 -30.71
CA LEU D 123 -0.82 -18.21 -29.85
C LEU D 123 -1.54 -19.33 -30.60
N GLY D 124 -2.13 -19.00 -31.74
CA GLY D 124 -2.90 -19.96 -32.51
C GLY D 124 -4.39 -19.68 -32.39
N ASP D 125 -4.77 -19.07 -31.26
CA ASP D 125 -6.16 -18.90 -30.90
C ASP D 125 -6.28 -17.86 -29.78
N THR D 126 -7.22 -16.92 -29.90
CA THR D 126 -7.42 -15.92 -28.87
C THR D 126 -7.86 -16.53 -27.53
N ASP D 127 -8.33 -17.77 -27.57
CA ASP D 127 -8.79 -18.43 -26.34
C ASP D 127 -7.63 -18.87 -25.44
N LYS D 128 -6.41 -18.79 -25.95
CA LYS D 128 -5.25 -19.27 -25.19
C LYS D 128 -4.58 -18.21 -24.31
N LEU D 129 -5.19 -17.03 -24.22
CA LEU D 129 -4.62 -15.96 -23.40
C LEU D 129 -4.47 -16.34 -21.94
N THR D 130 -5.34 -17.24 -21.49
CA THR D 130 -5.31 -17.77 -20.12
C THR D 130 -4.15 -18.73 -19.87
N ASN D 131 -3.40 -19.08 -20.91
CA ASN D 131 -2.21 -19.92 -20.75
C ASN D 131 -0.93 -19.11 -20.62
N VAL D 132 -1.03 -17.80 -20.78
CA VAL D 132 0.19 -16.98 -20.90
C VAL D 132 0.70 -16.57 -19.54
N ALA D 133 1.91 -16.99 -19.18
CA ALA D 133 2.51 -16.60 -17.91
C ALA D 133 2.89 -15.13 -17.95
N LEU D 134 2.45 -14.39 -16.94
CA LEU D 134 2.81 -12.99 -16.80
C LEU D 134 3.68 -12.77 -15.56
N GLY D 135 4.58 -11.80 -15.61
CA GLY D 135 5.47 -11.55 -14.49
C GLY D 135 6.75 -10.84 -14.87
N ARG D 136 7.53 -10.46 -13.85
CA ARG D 136 8.75 -9.70 -14.10
C ARG D 136 9.77 -10.43 -14.97
N GLN D 137 10.02 -11.71 -14.68
CA GLN D 137 11.01 -12.44 -15.45
C GLN D 137 10.57 -12.63 -16.90
N GLN D 138 9.27 -12.84 -17.10
CA GLN D 138 8.73 -12.98 -18.44
C GLN D 138 8.96 -11.70 -19.24
N LEU D 139 8.72 -10.56 -18.59
CA LEU D 139 8.98 -9.25 -19.22
C LEU D 139 10.46 -9.10 -19.58
N ALA D 140 11.33 -9.36 -18.61
CA ALA D 140 12.77 -9.24 -18.83
C ALA D 140 13.25 -10.15 -19.96
N ASP D 141 12.77 -11.40 -19.96
CA ASP D 141 13.14 -12.36 -20.99
C ASP D 141 12.66 -11.94 -22.37
N ALA D 142 11.45 -11.37 -22.44
CA ALA D 142 10.89 -10.90 -23.71
C ALA D 142 11.74 -9.77 -24.27
N VAL D 143 12.12 -8.83 -23.40
CA VAL D 143 12.97 -7.72 -23.80
C VAL D 143 14.29 -8.25 -24.35
N THR D 144 14.91 -9.15 -23.60
CA THR D 144 16.18 -9.76 -24.03
C THR D 144 16.05 -10.42 -25.41
N ALA D 145 15.02 -11.24 -25.57
CA ALA D 145 14.79 -11.97 -26.81
C ALA D 145 14.61 -11.05 -28.00
N LEU D 146 13.77 -10.03 -27.85
CA LEU D 146 13.48 -9.16 -28.99
C LEU D 146 14.62 -8.17 -29.28
N HIS D 147 15.23 -7.63 -28.24
CA HIS D 147 16.32 -6.68 -28.41
C HIS D 147 17.53 -7.39 -29.04
N GLY D 148 17.68 -8.66 -28.71
CA GLY D 148 18.82 -9.45 -29.18
C GLY D 148 18.66 -10.08 -30.56
N ARG D 149 17.47 -9.93 -31.14
CA ARG D 149 17.17 -10.54 -32.44
C ARG D 149 18.08 -9.99 -33.53
N THR D 150 18.63 -10.89 -34.33
CA THR D 150 19.40 -10.53 -35.51
C THR D 150 18.64 -11.07 -36.72
N LYS D 151 19.00 -10.60 -37.90
CA LYS D 151 18.32 -11.08 -39.10
C LYS D 151 18.48 -12.58 -39.31
N ALA D 152 19.64 -13.12 -38.90
CA ALA D 152 19.89 -14.56 -39.01
C ALA D 152 18.87 -15.40 -38.23
N ASP D 153 18.21 -14.78 -37.25
CA ASP D 153 17.19 -15.46 -36.45
C ASP D 153 15.94 -15.80 -37.26
N LYS D 154 15.66 -15.03 -38.31
CA LYS D 154 14.39 -15.14 -39.03
C LYS D 154 14.07 -16.55 -39.59
N PRO D 155 15.05 -17.21 -40.25
CA PRO D 155 14.77 -18.58 -40.75
C PRO D 155 14.68 -19.67 -39.68
N SER D 156 14.99 -19.36 -38.43
CA SER D 156 14.93 -20.38 -37.38
C SER D 156 13.52 -20.56 -36.82
N GLY D 157 13.01 -21.79 -36.90
CA GLY D 157 11.76 -22.14 -36.25
C GLY D 157 11.73 -21.83 -34.75
N PRO D 158 12.75 -22.30 -34.00
CA PRO D 158 12.78 -22.00 -32.57
C PRO D 158 12.86 -20.50 -32.27
N LYS D 159 13.66 -19.76 -33.04
CA LYS D 159 13.77 -18.30 -32.81
C LYS D 159 12.44 -17.61 -33.10
N GLN D 160 11.73 -18.08 -34.12
CA GLN D 160 10.42 -17.51 -34.45
C GLN D 160 9.41 -17.78 -33.35
N GLN D 161 9.43 -18.99 -32.81
CA GLN D 161 8.58 -19.35 -31.68
C GLN D 161 8.90 -18.48 -30.47
N GLN D 162 10.18 -18.34 -30.18
CA GLN D 162 10.60 -17.50 -29.06
C GLN D 162 10.15 -16.05 -29.27
N ALA D 163 10.22 -15.59 -30.51
CA ALA D 163 9.85 -14.22 -30.85
C ALA D 163 8.34 -14.01 -30.65
N ARG D 164 7.55 -15.01 -31.06
CA ARG D 164 6.11 -14.93 -30.86
C ARG D 164 5.73 -14.89 -29.38
N GLU D 165 6.43 -15.68 -28.58
CA GLU D 165 6.19 -15.73 -27.14
C GLU D 165 6.54 -14.39 -26.51
N ALA D 166 7.66 -13.81 -26.94
CA ALA D 166 8.08 -12.52 -26.39
C ALA D 166 7.11 -11.41 -26.75
N VAL D 167 6.67 -11.38 -28.01
CA VAL D 167 5.72 -10.36 -28.44
C VAL D 167 4.42 -10.48 -27.66
N THR D 168 4.00 -11.71 -27.40
CA THR D 168 2.79 -11.98 -26.63
C THR D 168 2.91 -11.38 -25.23
N THR D 169 4.04 -11.64 -24.58
CA THR D 169 4.32 -11.09 -23.27
C THR D 169 4.20 -9.56 -23.25
N LEU D 170 4.81 -8.91 -24.23
CA LEU D 170 4.78 -7.45 -24.27
C LEU D 170 3.40 -6.90 -24.60
N LEU D 171 2.69 -7.54 -25.52
CA LEU D 171 1.32 -7.11 -25.84
C LEU D 171 0.45 -7.09 -24.59
N LEU D 172 0.60 -8.10 -23.76
CA LEU D 172 -0.22 -8.18 -22.54
C LEU D 172 0.25 -7.19 -21.48
N MSE D 173 1.56 -7.14 -21.25
CA MSE D 173 2.09 -6.31 -20.17
C MSE D 173 2.22 -4.85 -20.51
O MSE D 173 2.37 -4.02 -19.59
CB MSE D 173 3.43 -6.90 -19.70
CG MSE D 173 3.18 -8.28 -19.09
SE MSE D 173 4.85 -9.10 -18.42
CE MSE D 173 4.97 -8.14 -16.70
N VAL D 174 2.16 -4.50 -21.80
CA VAL D 174 2.20 -3.09 -22.22
C VAL D 174 0.88 -2.67 -22.83
N ASN D 175 0.55 -3.23 -24.00
CA ASN D 175 -0.64 -2.78 -24.73
C ASN D 175 -1.98 -3.08 -24.03
N GLU D 176 -2.18 -4.32 -23.60
CA GLU D 176 -3.46 -4.65 -22.95
C GLU D 176 -3.52 -3.97 -21.60
N ALA D 177 -2.37 -3.86 -20.93
CA ALA D 177 -2.31 -3.14 -19.67
C ALA D 177 -2.72 -1.68 -19.84
N THR D 178 -2.28 -1.04 -20.93
CA THR D 178 -2.73 0.33 -21.22
C THR D 178 -4.25 0.39 -21.44
N ARG D 179 -4.78 -0.59 -22.15
CA ARG D 179 -6.22 -0.63 -22.45
C ARG D 179 -7.11 -0.91 -21.24
N PHE D 180 -6.63 -1.71 -20.30
CA PHE D 180 -7.46 -2.25 -19.22
C PHE D 180 -6.87 -2.07 -17.84
N GLN D 181 -7.64 -1.47 -16.95
CA GLN D 181 -7.20 -1.30 -15.57
C GLN D 181 -7.14 -2.64 -14.86
N THR D 182 -7.95 -3.59 -15.32
CA THR D 182 -7.94 -4.93 -14.75
C THR D 182 -6.58 -5.56 -15.00
N VAL D 183 -6.17 -5.51 -16.27
CA VAL D 183 -4.89 -6.09 -16.70
C VAL D 183 -3.69 -5.35 -16.08
N SER D 184 -3.71 -4.02 -16.09
CA SER D 184 -2.58 -3.28 -15.53
C SER D 184 -2.47 -3.55 -14.04
N GLY D 185 -3.62 -3.64 -13.36
CA GLY D 185 -3.60 -3.89 -11.92
C GLY D 185 -3.10 -5.30 -11.63
N PHE D 186 -3.50 -6.25 -12.45
CA PHE D 186 -3.07 -7.64 -12.29
C PHE D 186 -1.56 -7.77 -12.46
N VAL D 187 -1.04 -7.16 -13.51
CA VAL D 187 0.40 -7.15 -13.74
C VAL D 187 1.16 -6.45 -12.63
N ALA D 188 0.67 -5.29 -12.21
CA ALA D 188 1.34 -4.51 -11.17
C ALA D 188 1.44 -5.37 -9.92
N GLY D 189 0.39 -6.13 -9.66
CA GLY D 189 0.32 -6.97 -8.48
C GLY D 189 1.26 -8.17 -8.54
N LEU D 190 1.90 -8.41 -9.68
CA LEU D 190 2.86 -9.49 -9.79
C LEU D 190 4.30 -8.98 -9.63
N LEU D 191 4.45 -7.66 -9.57
CA LEU D 191 5.78 -7.05 -9.49
C LEU D 191 6.09 -6.74 -8.04
N HIS D 192 7.17 -7.32 -7.53
CA HIS D 192 7.52 -7.17 -6.10
C HIS D 192 8.96 -6.71 -5.94
N PRO D 193 9.33 -6.24 -4.74
CA PRO D 193 10.74 -5.90 -4.50
C PRO D 193 11.64 -7.15 -4.53
N LYS D 194 12.94 -6.93 -4.62
CA LYS D 194 13.88 -8.04 -4.78
C LYS D 194 13.93 -9.00 -3.59
N ALA D 195 13.55 -8.52 -2.42
CA ALA D 195 13.55 -9.36 -1.22
C ALA D 195 12.34 -10.31 -1.15
N VAL D 196 11.46 -10.21 -2.15
CA VAL D 196 10.27 -11.05 -2.26
C VAL D 196 10.53 -12.12 -3.33
N ALA D 197 9.95 -13.30 -3.18
CA ALA D 197 10.14 -14.36 -4.19
C ALA D 197 9.72 -13.92 -5.59
N ALA D 198 10.44 -14.43 -6.59
CA ALA D 198 10.01 -14.29 -7.99
C ALA D 198 8.58 -14.83 -8.11
N ALA D 199 7.77 -14.12 -8.89
CA ALA D 199 6.33 -14.36 -8.95
C ALA D 199 5.84 -14.34 -10.40
N SER D 200 4.80 -15.11 -10.68
CA SER D 200 4.15 -15.10 -11.99
C SER D 200 2.70 -15.50 -11.78
N GLY D 201 1.88 -15.32 -12.81
CA GLY D 201 0.47 -15.66 -12.71
C GLY D 201 -0.16 -15.55 -14.09
N LYS D 202 -1.40 -16.00 -14.19
CA LYS D 202 -2.09 -15.96 -15.48
C LYS D 202 -3.45 -15.33 -15.26
N ILE D 203 -3.96 -14.67 -16.29
CA ILE D 203 -5.25 -14.01 -16.17
C ILE D 203 -6.38 -15.02 -16.16
N GLY D 204 -7.52 -14.62 -15.62
CA GLY D 204 -8.71 -15.47 -15.61
C GLY D 204 -9.57 -15.21 -16.83
N ASN D 205 -10.73 -15.86 -16.88
CA ASN D 205 -11.59 -15.74 -18.05
C ASN D 205 -12.19 -14.36 -18.25
N GLU D 206 -12.42 -13.61 -17.18
CA GLU D 206 -12.97 -12.27 -17.31
C GLU D 206 -12.01 -11.36 -18.06
N MSE D 207 -10.75 -11.37 -17.67
CA MSE D 207 -9.77 -10.53 -18.35
C MSE D 207 -9.51 -11.01 -19.78
O MSE D 207 -9.24 -10.19 -20.65
CB MSE D 207 -8.47 -10.43 -17.55
CG MSE D 207 -8.56 -9.41 -16.47
SE MSE D 207 -6.85 -9.38 -15.51
CE MSE D 207 -6.95 -11.06 -14.65
N LYS D 208 -9.58 -12.31 -20.02
CA LYS D 208 -9.43 -12.81 -21.38
C LYS D 208 -10.56 -12.25 -22.25
N ALA D 209 -11.77 -12.26 -21.71
CA ALA D 209 -12.90 -11.78 -22.50
C ALA D 209 -12.79 -10.27 -22.72
N GLN D 210 -12.30 -9.55 -21.72
CA GLN D 210 -12.13 -8.10 -21.87
C GLN D 210 -11.12 -7.81 -22.96
N VAL D 211 -9.97 -8.47 -22.91
CA VAL D 211 -8.93 -8.29 -23.92
C VAL D 211 -9.49 -8.60 -25.31
N ASN D 212 -10.23 -9.69 -25.42
CA ASN D 212 -10.77 -10.10 -26.70
C ASN D 212 -11.96 -9.25 -27.15
N GLY D 213 -12.42 -8.33 -26.31
CA GLY D 213 -13.54 -7.47 -26.66
C GLY D 213 -13.41 -6.02 -26.27
N TRP D 214 -12.23 -5.45 -26.50
CA TRP D 214 -12.00 -4.06 -26.14
C TRP D 214 -12.97 -3.13 -26.88
N GLN D 215 -13.16 -3.37 -28.17
CA GLN D 215 -14.10 -2.52 -28.92
C GLN D 215 -15.53 -2.67 -28.39
N ASP D 216 -15.93 -3.92 -28.11
CA ASP D 216 -17.26 -4.20 -27.56
C ASP D 216 -17.51 -3.48 -26.25
N LEU D 217 -16.54 -3.51 -25.36
CA LEU D 217 -16.69 -2.90 -24.05
C LEU D 217 -16.67 -1.37 -24.16
N SER D 218 -15.79 -0.85 -25.02
CA SER D 218 -15.73 0.59 -25.26
C SER D 218 -17.07 1.06 -25.80
N ALA D 219 -17.59 0.33 -26.78
CA ALA D 219 -18.87 0.67 -27.41
C ALA D 219 -20.02 0.65 -26.39
N ALA D 220 -20.07 -0.39 -25.56
CA ALA D 220 -21.12 -0.51 -24.55
C ALA D 220 -21.15 0.67 -23.58
N LEU D 221 -19.98 1.17 -23.18
CA LEU D 221 -19.94 2.30 -22.26
C LEU D 221 -20.30 3.59 -22.99
N LEU D 222 -19.80 3.75 -24.21
CA LEU D 222 -20.08 4.94 -25.00
C LEU D 222 -21.58 5.12 -25.27
N LYS D 223 -22.28 4.00 -25.45
CA LYS D 223 -23.73 4.07 -25.67
C LYS D 223 -24.46 4.70 -24.50
N THR D 224 -23.92 4.59 -23.28
CA THR D 224 -24.59 5.16 -22.11
C THR D 224 -24.46 6.67 -22.03
N ASP D 225 -23.56 7.23 -22.83
CA ASP D 225 -23.33 8.67 -22.85
C ASP D 225 -24.26 9.42 -23.78
N VAL D 226 -24.88 8.71 -24.72
CA VAL D 226 -25.72 9.32 -25.74
C VAL D 226 -26.93 10.01 -25.10
N LYS D 227 -27.08 11.31 -25.34
CA LYS D 227 -28.22 12.05 -24.83
C LYS D 227 -29.48 11.60 -25.56
N PRO D 228 -30.51 11.18 -24.80
CA PRO D 228 -31.71 10.69 -25.46
C PRO D 228 -32.52 11.81 -26.11
N PRO D 229 -33.28 11.49 -27.17
CA PRO D 229 -34.22 12.45 -27.76
C PRO D 229 -35.14 12.98 -26.66
N PRO D 230 -35.64 14.22 -26.80
CA PRO D 230 -36.57 14.76 -25.80
C PRO D 230 -37.72 13.81 -25.49
N GLY D 231 -38.04 13.67 -24.21
CA GLY D 231 -39.09 12.76 -23.80
C GLY D 231 -38.69 11.31 -23.59
N LYS D 232 -37.50 10.93 -24.05
CA LYS D 232 -37.07 9.54 -23.95
C LYS D 232 -36.12 9.29 -22.78
N SER D 233 -36.02 8.04 -22.36
CA SER D 233 -35.21 7.68 -21.21
C SER D 233 -33.76 7.46 -21.63
N PRO D 234 -32.82 7.76 -20.72
CA PRO D 234 -31.38 7.54 -20.96
C PRO D 234 -31.09 6.07 -21.23
N ALA D 235 -30.10 5.80 -22.09
CA ALA D 235 -29.74 4.42 -22.37
C ALA D 235 -29.11 3.84 -21.12
N LYS D 236 -29.31 2.54 -20.91
CA LYS D 236 -28.80 1.86 -19.73
C LYS D 236 -27.73 0.88 -20.18
N PHE D 237 -26.67 0.72 -19.39
CA PHE D 237 -25.60 -0.21 -19.74
C PHE D 237 -26.13 -1.64 -19.87
N ALA D 238 -25.78 -2.30 -20.96
CA ALA D 238 -26.12 -3.72 -21.15
C ALA D 238 -24.96 -4.57 -20.67
N PRO D 239 -25.21 -5.45 -19.68
CA PRO D 239 -24.11 -6.23 -19.11
C PRO D 239 -23.40 -7.13 -20.13
N ILE D 240 -22.09 -7.30 -19.93
CA ILE D 240 -21.31 -8.30 -20.64
C ILE D 240 -20.77 -9.26 -19.56
N GLU D 241 -21.58 -10.28 -19.24
CA GLU D 241 -21.30 -11.15 -18.11
C GLU D 241 -19.98 -11.90 -18.24
N LYS D 242 -19.61 -12.26 -19.46
CA LYS D 242 -18.36 -13.01 -19.68
C LYS D 242 -17.14 -12.19 -19.24
N MSE D 243 -17.27 -10.87 -19.25
CA MSE D 243 -16.19 -9.98 -18.81
C MSE D 243 -16.32 -9.65 -17.35
O MSE D 243 -15.50 -8.89 -16.80
CB MSE D 243 -16.21 -8.67 -19.59
CG MSE D 243 -15.98 -8.81 -21.06
SE MSE D 243 -15.94 -7.03 -21.85
CE MSE D 243 -15.81 -7.58 -23.70
N GLY D 244 -17.36 -10.18 -16.70
CA GLY D 244 -17.63 -9.84 -15.31
C GLY D 244 -18.07 -8.40 -15.17
N VAL D 245 -18.55 -7.81 -16.26
CA VAL D 245 -18.93 -6.40 -16.25
C VAL D 245 -20.44 -6.25 -16.36
N ARG D 246 -21.08 -5.90 -15.26
CA ARG D 246 -22.54 -5.88 -15.20
C ARG D 246 -23.10 -4.46 -15.29
N THR D 247 -22.31 -3.48 -14.82
CA THR D 247 -22.79 -2.09 -14.75
C THR D 247 -21.83 -1.14 -15.46
N ALA D 248 -22.32 0.06 -15.73
CA ALA D 248 -21.48 1.10 -16.32
C ALA D 248 -20.29 1.45 -15.42
N VAL D 249 -20.52 1.49 -14.11
CA VAL D 249 -19.43 1.78 -13.18
C VAL D 249 -18.34 0.72 -13.27
N GLN D 250 -18.75 -0.55 -13.32
CA GLN D 250 -17.76 -1.61 -13.53
C GLN D 250 -17.03 -1.47 -14.86
N ALA D 251 -17.75 -1.11 -15.92
CA ALA D 251 -17.10 -0.92 -17.21
C ALA D 251 -16.05 0.19 -17.13
N ALA D 252 -16.40 1.32 -16.50
CA ALA D 252 -15.45 2.42 -16.33
C ALA D 252 -14.24 2.00 -15.52
N ASN D 253 -14.46 1.20 -14.48
CA ASN D 253 -13.32 0.76 -13.66
C ASN D 253 -12.44 -0.27 -14.35
N THR D 254 -12.99 -0.91 -15.38
CA THR D 254 -12.28 -1.92 -16.18
C THR D 254 -11.46 -1.27 -17.31
N LEU D 255 -12.04 -0.27 -17.98
CA LEU D 255 -11.37 0.41 -19.09
C LEU D 255 -10.28 1.38 -18.65
N GLY D 256 -9.05 1.10 -19.09
CA GLY D 256 -7.94 2.02 -18.89
C GLY D 256 -8.10 3.20 -19.84
N ILE D 257 -8.38 2.88 -21.10
CA ILE D 257 -8.69 3.90 -22.10
C ILE D 257 -9.58 3.27 -23.15
N LEU D 258 -10.58 4.02 -23.62
CA LEU D 258 -11.54 3.48 -24.57
C LEU D 258 -11.06 3.62 -26.01
N LEU D 259 -11.33 2.60 -26.82
CA LEU D 259 -11.19 2.72 -28.27
C LEU D 259 -12.33 3.61 -28.74
N PHE D 260 -12.07 4.50 -29.70
CA PHE D 260 -13.18 5.27 -30.22
C PHE D 260 -14.06 4.37 -31.05
N VAL D 261 -15.37 4.41 -30.79
CA VAL D 261 -16.33 3.66 -31.58
C VAL D 261 -17.47 4.60 -31.94
N GLU D 262 -17.90 4.56 -33.19
CA GLU D 262 -19.09 5.31 -33.60
C GLU D 262 -20.30 4.54 -33.16
N VAL D 263 -21.06 5.10 -32.23
CA VAL D 263 -22.32 4.47 -31.80
C VAL D 263 -23.47 5.37 -32.25
N PRO D 264 -24.67 4.77 -32.44
CA PRO D 264 -25.81 5.58 -32.89
C PRO D 264 -26.13 6.72 -31.94
N GLY D 265 -26.22 7.94 -32.49
CA GLY D 265 -26.50 9.10 -31.67
C GLY D 265 -25.28 9.67 -30.98
N GLY D 266 -24.14 8.99 -31.11
CA GLY D 266 -22.92 9.44 -30.46
C GLY D 266 -22.08 10.29 -31.39
N LEU D 267 -20.88 10.66 -30.96
CA LEU D 267 -19.94 11.37 -31.83
C LEU D 267 -19.60 10.55 -33.07
N THR D 268 -19.51 11.22 -34.22
CA THR D 268 -18.97 10.59 -35.41
C THR D 268 -17.45 10.69 -35.37
N VAL D 269 -16.78 9.93 -36.23
CA VAL D 269 -15.32 10.05 -36.42
C VAL D 269 -14.93 11.50 -36.68
N ALA D 270 -15.66 12.15 -37.59
CA ALA D 270 -15.35 13.52 -37.97
C ALA D 270 -15.50 14.49 -36.80
N LYS D 271 -16.63 14.38 -36.09
CA LYS D 271 -16.91 15.28 -34.97
C LYS D 271 -15.92 15.10 -33.84
N ALA D 272 -15.62 13.86 -33.48
CA ALA D 272 -14.68 13.61 -32.40
C ALA D 272 -13.27 14.11 -32.75
N LEU D 273 -12.90 14.06 -34.03
CA LEU D 273 -11.61 14.59 -34.43
C LEU D 273 -11.59 16.12 -34.45
N GLU D 274 -12.73 16.73 -34.76
CA GLU D 274 -12.83 18.20 -34.68
C GLU D 274 -12.63 18.64 -33.24
N LEU D 275 -13.25 17.93 -32.32
CA LEU D 275 -13.12 18.25 -30.89
C LEU D 275 -11.69 18.00 -30.41
N PHE D 276 -11.07 16.94 -30.92
CA PHE D 276 -9.68 16.63 -30.61
C PHE D 276 -8.78 17.80 -30.95
N HIS D 277 -8.93 18.30 -32.17
CA HIS D 277 -8.05 19.36 -32.65
C HIS D 277 -8.29 20.66 -31.93
N ALA D 278 -9.54 20.98 -31.66
CA ALA D 278 -9.89 22.25 -31.02
C ALA D 278 -9.35 22.29 -29.61
N SER D 279 -9.27 21.11 -28.97
CA SER D 279 -8.82 21.03 -27.59
C SER D 279 -7.31 20.79 -27.47
N GLY D 280 -6.60 20.94 -28.58
CA GLY D 280 -5.13 20.92 -28.55
C GLY D 280 -4.54 19.57 -28.86
N GLY D 281 -5.39 18.63 -29.25
CA GLY D 281 -4.92 17.29 -29.54
C GLY D 281 -4.05 17.22 -30.78
N LYS D 282 -3.03 16.37 -30.73
CA LYS D 282 -2.13 16.15 -31.87
C LYS D 282 -1.89 14.67 -32.08
#